data_5S7U
#
_entry.id   5S7U
#
_cell.length_a   128.377
_cell.length_b   84.481
_cell.length_c   89.111
_cell.angle_alpha   90.000
_cell.angle_beta   131.520
_cell.angle_gamma   90.000
#
_symmetry.space_group_name_H-M   'C 1 2 1'
#
loop_
_entity.id
_entity.type
_entity.pdbx_description
1 polymer 'Activin receptor type-1'
2 non-polymer 4-methyl-3-[4-(1-methylpiperidin-4-yl)phenyl]-5-(3,4,5-trimethoxyphenyl)pyridine
3 non-polymer 1,2-ETHANEDIOL
4 non-polymer 'DIMETHYL SULFOXIDE'
5 non-polymer 'SULFATE ION'
6 non-polymer (4S)-1-methylimidazolidin-4-amine
7 water water
#
_entity_poly.entity_id   1
_entity_poly.type   'polypeptide(L)'
_entity_poly.pdbx_seq_one_letter_code
;SMQRTVARDITLLECVGKGRYGEVWRGSWQGENVAVKIFSSRDEKSWFRETELYNTVMLRHENILGFIASDMTSRHSSTQ
LWLITHYHEMGSLYDYLQLTTLDTVSCLRIVLSIASGLAHLHIEIFGTQGKPAIAHRDLKSKNILVKKNGQCCIADLGLA
VMHSQSTNQLDVGNNPRVGTKRYMAPEVLDETIQVDCFDSYKRVDIWAFGLVLWEVARRMVSNGIVEDYKPPFYDVVPND
PSFEDMRKVVCVDQQRPNIPNRWFSDPTLTSLAKLMKECWYQNPSARLTALRIKKTLTKID
;
_entity_poly.pdbx_strand_id   A,B
#
loop_
_chem_comp.id
_chem_comp.type
_chem_comp.name
_chem_comp.formula
DMS non-polymer 'DIMETHYL SULFOXIDE' 'C2 H6 O S'
EDO non-polymer 1,2-ETHANEDIOL 'C2 H6 O2'
LU8 non-polymer 4-methyl-3-[4-(1-methylpiperidin-4-yl)phenyl]-5-(3,4,5-trimethoxyphenyl)pyridine 'C27 H32 N2 O3'
SO4 non-polymer 'SULFATE ION' 'O4 S -2'
XGY non-polymer (4S)-1-methylimidazolidin-4-amine 'C4 H11 N3'
#
# COMPACT_ATOMS: atom_id res chain seq x y z
N ARG A 4 -19.76 -19.06 31.59
CA ARG A 4 -19.92 -19.62 30.21
C ARG A 4 -19.01 -20.83 30.02
N THR A 5 -19.39 -21.75 29.13
CA THR A 5 -18.56 -22.91 28.73
C THR A 5 -17.57 -22.43 27.65
N VAL A 6 -16.38 -23.02 27.63
CA VAL A 6 -15.30 -22.78 26.61
C VAL A 6 -15.01 -24.14 25.95
N ALA A 7 -15.62 -24.39 24.80
CA ALA A 7 -15.43 -25.64 24.02
C ALA A 7 -14.02 -25.60 23.43
N ARG A 8 -13.12 -26.41 23.98
CA ARG A 8 -11.71 -26.51 23.53
C ARG A 8 -11.51 -27.85 22.82
N ASP A 9 -12.56 -28.69 22.79
CA ASP A 9 -12.50 -30.03 22.18
C ASP A 9 -12.30 -29.88 20.68
N ILE A 10 -11.18 -30.39 20.18
CA ILE A 10 -10.83 -30.37 18.74
C ILE A 10 -10.66 -31.84 18.34
N THR A 11 -11.53 -32.34 17.46
CA THR A 11 -11.44 -33.72 16.94
C THR A 11 -10.39 -33.75 15.83
N LEU A 12 -9.46 -34.70 15.90
CA LEU A 12 -8.41 -34.93 14.88
C LEU A 12 -8.91 -36.04 13.96
N LEU A 13 -9.24 -35.71 12.70
CA LEU A 13 -10.02 -36.62 11.83
C LEU A 13 -9.08 -37.38 10.91
N GLU A 14 -8.10 -36.71 10.31
CA GLU A 14 -7.13 -37.41 9.42
C GLU A 14 -5.82 -36.62 9.34
N CYS A 15 -4.71 -37.36 9.25
CA CYS A 15 -3.34 -36.82 9.14
C CYS A 15 -3.09 -36.46 7.68
N VAL A 16 -2.74 -35.20 7.41
CA VAL A 16 -2.56 -34.67 6.02
C VAL A 16 -1.10 -34.29 5.81
N GLY A 17 -0.25 -34.50 6.81
CA GLY A 17 1.20 -34.24 6.75
C GLY A 17 1.90 -34.90 7.92
N LYS A 18 3.12 -35.39 7.70
CA LYS A 18 3.96 -36.07 8.72
C LYS A 18 5.40 -35.87 8.25
N GLY A 19 6.20 -35.13 9.02
CA GLY A 19 7.61 -34.84 8.70
C GLY A 19 8.46 -34.72 9.94
N ARG A 20 9.60 -34.03 9.82
CA ARG A 20 10.53 -33.76 10.94
C ARG A 20 9.82 -32.80 11.91
N TYR A 21 9.09 -31.80 11.36
CA TYR A 21 8.29 -30.77 12.09
C TYR A 21 7.27 -31.39 13.06
N GLY A 22 6.86 -32.64 12.83
CA GLY A 22 5.73 -33.30 13.50
C GLY A 22 4.67 -33.70 12.49
N GLU A 23 3.41 -33.36 12.73
CA GLU A 23 2.25 -33.82 11.93
C GLU A 23 1.26 -32.67 11.74
N VAL A 24 0.57 -32.60 10.59
CA VAL A 24 -0.61 -31.71 10.44
C VAL A 24 -1.86 -32.58 10.31
N TRP A 25 -2.90 -32.28 11.08
CA TRP A 25 -4.18 -33.00 11.06
C TRP A 25 -5.28 -32.09 10.54
N ARG A 26 -6.14 -32.62 9.67
CA ARG A 26 -7.49 -32.04 9.48
C ARG A 26 -8.23 -32.31 10.79
N GLY A 27 -8.76 -31.26 11.39
CA GLY A 27 -9.52 -31.36 12.64
C GLY A 27 -10.87 -30.71 12.48
N SER A 28 -11.72 -30.89 13.48
CA SER A 28 -13.08 -30.32 13.60
C SER A 28 -13.19 -29.60 14.93
N TRP A 29 -13.61 -28.35 14.91
CA TRP A 29 -13.96 -27.58 16.13
C TRP A 29 -15.32 -26.94 15.92
N GLN A 30 -16.35 -27.41 16.64
CA GLN A 30 -17.72 -26.86 16.55
C GLN A 30 -18.17 -26.93 15.08
N GLY A 31 -18.13 -28.12 14.49
CA GLY A 31 -18.52 -28.40 13.09
C GLY A 31 -17.54 -27.86 12.05
N GLU A 32 -16.62 -26.94 12.42
CA GLU A 32 -15.74 -26.16 11.48
C GLU A 32 -14.42 -26.94 11.27
N ASN A 33 -13.97 -27.01 10.01
CA ASN A 33 -12.67 -27.65 9.69
C ASN A 33 -11.56 -26.72 10.18
N VAL A 34 -10.61 -27.28 10.90
CA VAL A 34 -9.38 -26.56 11.36
C VAL A 34 -8.19 -27.40 10.93
N ALA A 35 -7.02 -26.77 10.80
CA ALA A 35 -5.77 -27.53 10.62
C ALA A 35 -5.00 -27.48 11.95
N VAL A 36 -4.55 -28.63 12.45
CA VAL A 36 -3.79 -28.76 13.72
C VAL A 36 -2.38 -29.25 13.38
N LYS A 37 -1.40 -28.39 13.58
CA LYS A 37 0.03 -28.79 13.53
C LYS A 37 0.46 -29.19 14.95
N ILE A 38 0.82 -30.45 15.12
CA ILE A 38 1.40 -31.03 16.36
C ILE A 38 2.91 -31.04 16.17
N PHE A 39 3.63 -30.22 16.93
CA PHE A 39 5.11 -30.09 16.83
C PHE A 39 5.81 -31.24 17.53
N SER A 40 6.87 -31.74 16.90
CA SER A 40 7.84 -32.67 17.52
C SER A 40 8.70 -31.85 18.49
N SER A 41 9.38 -32.53 19.40
CA SER A 41 10.39 -31.91 20.30
C SER A 41 11.47 -31.24 19.44
N ARG A 42 11.92 -31.92 18.38
CA ARG A 42 12.90 -31.38 17.40
C ARG A 42 12.54 -29.94 17.03
N ASP A 43 11.25 -29.66 16.83
CA ASP A 43 10.77 -28.43 16.15
C ASP A 43 10.09 -27.49 17.16
N GLU A 44 10.23 -27.74 18.46
CA GLU A 44 9.45 -27.00 19.49
C GLU A 44 9.77 -25.50 19.37
N LYS A 45 10.98 -25.12 18.97
CA LYS A 45 11.36 -23.68 18.86
C LYS A 45 10.46 -22.97 17.83
N SER A 46 9.98 -23.68 16.81
CA SER A 46 9.13 -23.05 15.76
C SER A 46 7.76 -22.68 16.34
N TRP A 47 7.21 -23.51 17.23
CA TRP A 47 5.98 -23.20 18.00
C TRP A 47 6.19 -21.91 18.78
N PHE A 48 7.30 -21.78 19.52
CA PHE A 48 7.56 -20.60 20.38
C PHE A 48 7.68 -19.36 19.52
N ARG A 49 8.45 -19.41 18.43
N ARG A 49 8.46 -19.46 18.43
CA ARG A 49 8.72 -18.21 17.59
CA ARG A 49 8.77 -18.35 17.50
C ARG A 49 7.41 -17.77 16.92
C ARG A 49 7.47 -17.81 16.89
N GLU A 50 6.64 -18.71 16.38
CA GLU A 50 5.37 -18.35 15.71
C GLU A 50 4.39 -17.78 16.76
N THR A 51 4.29 -18.43 17.92
CA THR A 51 3.37 -18.00 19.01
C THR A 51 3.78 -16.57 19.41
N GLU A 52 5.07 -16.32 19.59
CA GLU A 52 5.58 -14.99 20.00
C GLU A 52 5.23 -13.96 18.93
N LEU A 53 5.26 -14.37 17.68
CA LEU A 53 4.96 -13.45 16.55
C LEU A 53 3.47 -13.06 16.62
N TYR A 54 2.60 -14.05 16.77
CA TYR A 54 1.13 -13.84 16.79
C TYR A 54 0.70 -13.13 18.08
N ASN A 55 1.48 -13.30 19.16
CA ASN A 55 1.27 -12.59 20.44
C ASN A 55 1.67 -11.13 20.27
N THR A 56 2.56 -10.82 19.33
CA THR A 56 3.04 -9.44 19.04
C THR A 56 2.13 -8.75 18.04
N VAL A 57 1.75 -9.44 16.96
CA VAL A 57 0.85 -8.89 15.91
C VAL A 57 -0.05 -10.01 15.41
N MET A 58 -1.36 -9.81 15.53
CA MET A 58 -2.37 -10.79 15.03
C MET A 58 -2.56 -10.52 13.53
N LEU A 59 -1.74 -11.17 12.69
CA LEU A 59 -1.79 -11.04 11.21
C LEU A 59 -3.17 -11.50 10.72
N ARG A 60 -3.81 -10.68 9.89
CA ARG A 60 -5.11 -11.02 9.26
C ARG A 60 -5.04 -10.57 7.81
N HIS A 61 -4.80 -11.52 6.92
CA HIS A 61 -4.66 -11.24 5.46
C HIS A 61 -5.13 -12.44 4.67
N GLU A 62 -5.83 -12.21 3.56
CA GLU A 62 -6.36 -13.22 2.61
C GLU A 62 -5.26 -14.19 2.18
N ASN A 63 -4.01 -13.72 2.08
CA ASN A 63 -2.92 -14.51 1.46
C ASN A 63 -1.91 -15.00 2.51
N ILE A 64 -2.29 -14.94 3.79
N ILE A 64 -2.29 -14.96 3.80
CA ILE A 64 -1.54 -15.45 4.98
CA ILE A 64 -1.52 -15.44 4.97
C ILE A 64 -2.43 -16.46 5.69
C ILE A 64 -2.40 -16.43 5.73
N LEU A 65 -1.93 -17.67 5.92
CA LEU A 65 -2.74 -18.76 6.56
C LEU A 65 -3.33 -18.24 7.87
N GLY A 66 -4.62 -18.48 8.08
CA GLY A 66 -5.41 -17.80 9.13
C GLY A 66 -5.17 -18.45 10.46
N PHE A 67 -4.60 -17.69 11.41
CA PHE A 67 -4.35 -18.17 12.79
C PHE A 67 -5.66 -18.33 13.56
N ILE A 68 -5.81 -19.45 14.28
CA ILE A 68 -6.92 -19.67 15.24
C ILE A 68 -6.36 -19.74 16.68
N ALA A 69 -5.38 -20.62 16.98
CA ALA A 69 -4.86 -20.80 18.35
C ALA A 69 -3.47 -21.43 18.38
N SER A 70 -2.71 -21.11 19.45
CA SER A 70 -1.51 -21.85 19.92
C SER A 70 -1.85 -22.43 21.29
N ASP A 71 -1.65 -23.74 21.44
CA ASP A 71 -2.05 -24.48 22.65
C ASP A 71 -0.82 -25.26 23.14
N MET A 72 -0.48 -25.10 24.41
CA MET A 72 0.49 -25.95 25.15
C MET A 72 -0.29 -26.73 26.21
N THR A 73 -0.24 -28.07 26.18
CA THR A 73 -0.92 -28.94 27.18
C THR A 73 0.12 -29.81 27.90
N SER A 74 -0.15 -30.17 29.15
CA SER A 74 0.83 -30.82 30.07
C SER A 74 1.00 -32.30 29.71
N SER A 78 4.75 -35.06 29.71
CA SER A 78 5.48 -34.26 28.70
C SER A 78 4.61 -33.09 28.20
N THR A 79 5.20 -32.17 27.45
CA THR A 79 4.48 -31.01 26.87
C THR A 79 4.01 -31.34 25.45
N GLN A 80 2.77 -30.96 25.15
CA GLN A 80 2.12 -31.04 23.81
C GLN A 80 2.00 -29.62 23.27
N LEU A 81 2.56 -29.35 22.08
CA LEU A 81 2.47 -28.03 21.38
C LEU A 81 1.67 -28.20 20.08
N TRP A 82 0.53 -27.51 20.02
CA TRP A 82 -0.40 -27.49 18.87
C TRP A 82 -0.45 -26.06 18.30
N LEU A 83 -0.35 -25.94 16.97
CA LEU A 83 -0.75 -24.71 16.23
C LEU A 83 -2.02 -25.03 15.44
N ILE A 84 -3.06 -24.22 15.64
CA ILE A 84 -4.40 -24.42 15.00
C ILE A 84 -4.64 -23.26 14.04
N THR A 85 -4.88 -23.60 12.76
CA THR A 85 -5.16 -22.60 11.69
C THR A 85 -6.44 -22.95 10.93
N HIS A 86 -6.82 -22.06 10.04
CA HIS A 86 -7.80 -22.38 8.97
C HIS A 86 -7.31 -23.58 8.15
N TYR A 87 -8.25 -24.35 7.62
CA TYR A 87 -7.99 -25.57 6.82
C TYR A 87 -8.26 -25.24 5.35
N HIS A 88 -7.36 -25.66 4.46
CA HIS A 88 -7.48 -25.47 2.98
C HIS A 88 -7.43 -26.86 2.35
N GLU A 89 -8.59 -27.40 1.99
CA GLU A 89 -8.77 -28.82 1.56
C GLU A 89 -7.97 -29.12 0.29
N MET A 90 -7.69 -28.11 -0.54
CA MET A 90 -6.96 -28.32 -1.82
C MET A 90 -5.48 -28.57 -1.53
N GLY A 91 -4.99 -28.29 -0.32
CA GLY A 91 -3.61 -28.63 0.07
C GLY A 91 -2.62 -27.59 -0.37
N SER A 92 -1.35 -27.98 -0.39
CA SER A 92 -0.20 -27.10 -0.72
C SER A 92 -0.18 -26.87 -2.23
N LEU A 93 0.43 -25.76 -2.63
CA LEU A 93 0.77 -25.47 -4.03
C LEU A 93 1.64 -26.60 -4.60
N TYR A 94 2.56 -27.11 -3.80
CA TYR A 94 3.47 -28.21 -4.18
C TYR A 94 2.64 -29.42 -4.62
N ASP A 95 1.63 -29.78 -3.84
CA ASP A 95 0.76 -30.96 -4.14
C ASP A 95 -0.10 -30.65 -5.37
N TYR A 96 -0.66 -29.44 -5.42
CA TYR A 96 -1.60 -28.97 -6.45
C TYR A 96 -0.90 -28.98 -7.83
N LEU A 97 0.34 -28.51 -7.90
CA LEU A 97 1.06 -28.43 -9.21
C LEU A 97 1.42 -29.83 -9.71
N GLN A 98 1.51 -30.83 -8.84
CA GLN A 98 1.87 -32.22 -9.25
C GLN A 98 0.90 -32.69 -10.34
N LEU A 99 -0.40 -32.48 -10.14
CA LEU A 99 -1.47 -33.11 -10.96
C LEU A 99 -2.50 -32.04 -11.35
N THR A 100 -2.04 -30.82 -11.63
CA THR A 100 -2.87 -29.75 -12.21
C THR A 100 -1.99 -28.89 -13.11
N THR A 101 -2.51 -28.54 -14.28
CA THR A 101 -1.91 -27.52 -15.18
C THR A 101 -2.75 -26.26 -15.00
N LEU A 102 -2.22 -25.14 -15.47
CA LEU A 102 -2.83 -23.82 -15.27
C LEU A 102 -3.03 -23.16 -16.63
N ASP A 103 -3.94 -22.20 -16.70
CA ASP A 103 -4.04 -21.30 -17.86
C ASP A 103 -3.56 -19.94 -17.37
N THR A 104 -3.63 -18.95 -18.23
CA THR A 104 -3.05 -17.62 -17.95
C THR A 104 -3.70 -17.08 -16.69
N VAL A 105 -5.03 -17.18 -16.59
CA VAL A 105 -5.80 -16.51 -15.52
C VAL A 105 -5.41 -17.13 -14.18
N SER A 106 -5.51 -18.45 -14.04
N SER A 106 -5.40 -18.46 -14.07
CA SER A 106 -5.14 -19.20 -12.81
CA SER A 106 -5.17 -19.21 -12.81
C SER A 106 -3.70 -18.82 -12.45
C SER A 106 -3.69 -19.14 -12.41
N CYS A 107 -2.77 -19.07 -13.37
CA CYS A 107 -1.32 -18.88 -13.13
C CYS A 107 -1.11 -17.48 -12.54
N LEU A 108 -1.71 -16.45 -13.12
CA LEU A 108 -1.45 -15.07 -12.63
C LEU A 108 -2.11 -14.87 -11.27
N ARG A 109 -3.19 -15.59 -11.01
CA ARG A 109 -4.01 -15.44 -9.78
C ARG A 109 -3.19 -15.97 -8.60
N ILE A 110 -2.64 -17.17 -8.78
CA ILE A 110 -1.70 -17.81 -7.84
C ILE A 110 -0.50 -16.90 -7.55
N VAL A 111 0.25 -16.44 -8.55
CA VAL A 111 1.54 -15.73 -8.31
C VAL A 111 1.23 -14.33 -7.75
N LEU A 112 0.18 -13.64 -8.20
CA LEU A 112 -0.14 -12.30 -7.61
C LEU A 112 -0.63 -12.44 -6.15
N SER A 113 -1.34 -13.52 -5.80
CA SER A 113 -1.78 -13.76 -4.40
C SER A 113 -0.56 -14.03 -3.51
N ILE A 114 0.40 -14.83 -3.98
CA ILE A 114 1.67 -15.06 -3.23
C ILE A 114 2.41 -13.74 -3.05
N ALA A 115 2.56 -12.93 -4.09
CA ALA A 115 3.28 -11.63 -4.00
C ALA A 115 2.56 -10.72 -2.99
N SER A 116 1.24 -10.75 -3.01
CA SER A 116 0.39 -9.94 -2.09
C SER A 116 0.60 -10.40 -0.65
N GLY A 117 0.55 -11.70 -0.38
CA GLY A 117 0.87 -12.25 0.95
C GLY A 117 2.27 -11.83 1.41
N LEU A 118 3.25 -11.99 0.53
CA LEU A 118 4.68 -11.73 0.85
C LEU A 118 4.91 -10.21 1.06
N ALA A 119 4.38 -9.36 0.20
CA ALA A 119 4.49 -7.88 0.39
C ALA A 119 3.87 -7.51 1.72
N HIS A 120 2.74 -8.12 2.08
CA HIS A 120 2.04 -7.84 3.35
C HIS A 120 2.96 -8.22 4.52
N LEU A 121 3.60 -9.40 4.47
CA LEU A 121 4.59 -9.82 5.50
C LEU A 121 5.69 -8.76 5.60
N HIS A 122 6.26 -8.32 4.47
CA HIS A 122 7.52 -7.56 4.40
C HIS A 122 7.35 -6.11 4.85
N ILE A 123 6.17 -5.53 4.66
CA ILE A 123 5.93 -4.06 4.85
C ILE A 123 5.63 -3.81 6.33
N GLU A 124 6.30 -2.80 6.89
CA GLU A 124 5.95 -2.16 8.17
C GLU A 124 4.73 -1.26 7.95
N ILE A 125 3.60 -1.61 8.56
CA ILE A 125 2.34 -0.79 8.57
C ILE A 125 2.26 -0.12 9.95
N PHE A 126 2.03 1.19 9.97
CA PHE A 126 2.08 2.05 11.19
C PHE A 126 0.68 2.21 11.79
N GLY A 127 0.62 2.74 13.02
CA GLY A 127 -0.61 2.83 13.83
C GLY A 127 -1.16 1.45 14.17
N GLY A 130 -1.69 -1.60 12.85
CA GLY A 130 -0.39 -1.69 12.16
C GLY A 130 0.31 -3.03 12.36
N LYS A 131 1.55 -3.14 11.90
CA LYS A 131 2.37 -4.38 12.04
C LYS A 131 3.85 -4.06 11.83
N PRO A 132 4.75 -4.83 12.47
CA PRO A 132 6.15 -4.78 12.14
C PRO A 132 6.37 -5.45 10.77
N ALA A 133 7.50 -5.16 10.15
CA ALA A 133 8.00 -5.87 8.95
C ALA A 133 8.34 -7.29 9.37
N ILE A 134 8.03 -8.27 8.54
CA ILE A 134 8.29 -9.71 8.82
C ILE A 134 8.98 -10.32 7.61
N ALA A 135 10.03 -11.08 7.84
CA ALA A 135 10.61 -11.94 6.80
C ALA A 135 10.26 -13.38 7.17
N HIS A 136 9.91 -14.17 6.18
CA HIS A 136 9.36 -15.53 6.35
C HIS A 136 10.49 -16.52 6.66
N ARG A 137 11.47 -16.56 5.75
CA ARG A 137 12.77 -17.26 5.86
C ARG A 137 12.60 -18.75 5.55
N ASP A 138 11.41 -19.23 5.18
CA ASP A 138 11.28 -20.63 4.67
C ASP A 138 10.20 -20.67 3.55
N LEU A 139 10.21 -19.68 2.65
CA LEU A 139 9.23 -19.65 1.52
C LEU A 139 9.57 -20.77 0.54
N LYS A 140 8.59 -21.61 0.26
CA LYS A 140 8.69 -22.72 -0.72
C LYS A 140 7.26 -23.17 -1.07
N SER A 141 7.12 -24.00 -2.09
CA SER A 141 5.80 -24.40 -2.65
C SER A 141 5.03 -25.23 -1.62
N LYS A 142 5.73 -25.97 -0.75
CA LYS A 142 5.10 -26.72 0.37
C LYS A 142 4.56 -25.78 1.45
N ASN A 143 5.06 -24.55 1.54
CA ASN A 143 4.60 -23.61 2.59
C ASN A 143 3.64 -22.58 1.98
N ILE A 144 2.97 -22.99 0.90
CA ILE A 144 1.92 -22.16 0.23
C ILE A 144 0.73 -23.09 0.08
N LEU A 145 -0.45 -22.63 0.52
CA LEU A 145 -1.70 -23.42 0.44
CA LEU A 145 -1.68 -23.44 0.41
C LEU A 145 -2.60 -22.82 -0.65
N VAL A 146 -3.34 -23.70 -1.35
CA VAL A 146 -4.26 -23.29 -2.45
C VAL A 146 -5.69 -23.22 -1.89
N LYS A 147 -6.35 -22.07 -2.08
CA LYS A 147 -7.75 -21.82 -1.67
C LYS A 147 -8.69 -22.10 -2.85
N LYS A 148 -9.97 -22.34 -2.56
CA LYS A 148 -10.99 -22.68 -3.58
C LYS A 148 -11.21 -21.49 -4.52
N ASN A 149 -10.96 -20.25 -4.09
CA ASN A 149 -11.15 -19.07 -4.97
C ASN A 149 -9.95 -18.86 -5.92
N GLY A 150 -9.00 -19.81 -5.97
CA GLY A 150 -7.84 -19.79 -6.90
C GLY A 150 -6.69 -18.95 -6.38
N GLN A 151 -6.86 -18.21 -5.28
CA GLN A 151 -5.74 -17.50 -4.60
C GLN A 151 -5.06 -18.49 -3.64
N CYS A 152 -3.86 -18.10 -3.22
CA CYS A 152 -2.98 -18.89 -2.34
C CYS A 152 -2.83 -18.13 -1.03
N CYS A 153 -2.41 -18.82 0.02
CA CYS A 153 -1.91 -18.15 1.26
C CYS A 153 -0.59 -18.79 1.69
N ILE A 154 0.29 -17.93 2.21
CA ILE A 154 1.61 -18.29 2.78
C ILE A 154 1.38 -18.86 4.18
N ALA A 155 1.95 -20.03 4.45
CA ALA A 155 1.89 -20.74 5.73
C ALA A 155 3.29 -20.80 6.37
N ASP A 156 3.30 -21.10 7.68
CA ASP A 156 4.47 -21.51 8.48
C ASP A 156 5.39 -20.33 8.75
N LEU A 157 5.10 -19.58 9.81
CA LEU A 157 5.96 -18.47 10.32
C LEU A 157 6.88 -18.99 11.44
N GLY A 158 7.15 -20.30 11.48
CA GLY A 158 8.02 -20.95 12.50
C GLY A 158 9.46 -20.45 12.47
N LEU A 159 9.94 -19.83 11.38
CA LEU A 159 11.33 -19.28 11.28
C LEU A 159 11.28 -17.77 11.08
N ALA A 160 10.09 -17.18 11.10
CA ALA A 160 9.88 -15.76 10.73
C ALA A 160 10.62 -14.85 11.69
N VAL A 161 10.94 -13.63 11.25
CA VAL A 161 11.70 -12.63 12.05
C VAL A 161 11.04 -11.29 11.81
N MET A 162 10.83 -10.53 12.88
CA MET A 162 10.14 -9.22 12.84
C MET A 162 11.20 -8.14 12.99
N HIS A 163 11.02 -7.00 12.34
CA HIS A 163 11.80 -5.76 12.53
C HIS A 163 10.85 -4.64 13.01
N ARG A 177 22.58 -22.16 7.17
CA ARG A 177 21.57 -21.39 7.95
C ARG A 177 20.25 -22.17 7.98
N VAL A 178 19.09 -21.51 8.01
CA VAL A 178 17.89 -22.01 8.75
C VAL A 178 16.83 -22.64 7.83
N GLY A 179 16.66 -22.16 6.61
CA GLY A 179 15.53 -22.57 5.74
C GLY A 179 15.79 -23.89 5.00
N THR A 180 14.94 -24.22 4.02
CA THR A 180 15.09 -25.40 3.15
C THR A 180 16.27 -25.12 2.21
N LYS A 181 17.22 -26.04 2.13
CA LYS A 181 18.52 -25.83 1.43
CA LYS A 181 18.52 -25.82 1.43
C LYS A 181 18.29 -25.54 -0.07
N ARG A 182 17.39 -26.29 -0.69
CA ARG A 182 17.05 -26.15 -2.14
C ARG A 182 16.66 -24.69 -2.47
N TYR A 183 16.08 -23.96 -1.52
CA TYR A 183 15.53 -22.62 -1.75
C TYR A 183 16.42 -21.52 -1.16
N MET A 184 17.60 -21.85 -0.63
CA MET A 184 18.44 -20.86 0.08
C MET A 184 19.11 -19.96 -0.96
N ALA A 185 19.07 -18.65 -0.71
CA ALA A 185 19.77 -17.64 -1.49
C ALA A 185 21.29 -17.86 -1.40
N PRO A 186 22.04 -17.41 -2.42
CA PRO A 186 23.49 -17.59 -2.47
C PRO A 186 24.22 -17.04 -1.24
N GLU A 187 23.81 -15.86 -0.74
CA GLU A 187 24.43 -15.18 0.44
C GLU A 187 24.20 -16.01 1.72
N VAL A 188 23.17 -16.85 1.76
CA VAL A 188 22.95 -17.78 2.90
C VAL A 188 23.94 -18.92 2.75
N LEU A 189 24.01 -19.50 1.56
CA LEU A 189 24.86 -20.67 1.26
C LEU A 189 26.34 -20.30 1.41
N ASP A 190 26.76 -19.08 1.10
CA ASP A 190 28.19 -18.71 1.18
C ASP A 190 28.45 -17.87 2.45
N GLU A 191 27.44 -17.73 3.30
CA GLU A 191 27.53 -17.08 4.63
C GLU A 191 28.05 -15.64 4.45
N THR A 192 27.70 -14.96 3.35
CA THR A 192 27.99 -13.52 3.16
C THR A 192 26.76 -12.71 3.56
N ILE A 193 25.68 -13.34 4.00
CA ILE A 193 24.44 -12.61 4.35
C ILE A 193 24.76 -11.57 5.42
N GLN A 194 24.42 -10.30 5.18
CA GLN A 194 24.57 -9.20 6.19
C GLN A 194 23.54 -9.39 7.30
N VAL A 195 23.89 -10.17 8.33
CA VAL A 195 23.00 -10.66 9.41
C VAL A 195 22.48 -9.50 10.28
N ASP A 196 23.15 -8.34 10.25
CA ASP A 196 22.80 -7.13 11.04
C ASP A 196 21.70 -6.31 10.33
N CYS A 197 21.31 -6.68 9.11
CA CYS A 197 20.41 -5.89 8.23
C CYS A 197 19.11 -6.68 8.00
N PHE A 198 17.98 -6.12 8.46
CA PHE A 198 16.66 -6.79 8.30
C PHE A 198 16.38 -7.01 6.81
N ASP A 199 16.69 -6.01 5.98
CA ASP A 199 16.51 -6.06 4.50
C ASP A 199 17.16 -7.33 3.96
N SER A 200 18.19 -7.86 4.61
CA SER A 200 18.90 -9.06 4.11
C SER A 200 17.91 -10.21 4.06
N TYR A 201 16.99 -10.27 5.03
CA TYR A 201 16.06 -11.40 5.20
C TYR A 201 14.91 -11.27 4.19
N LYS A 202 14.49 -10.03 3.90
N LYS A 202 14.48 -10.02 3.92
CA LYS A 202 13.49 -9.80 2.82
CA LYS A 202 13.51 -9.72 2.82
C LYS A 202 14.09 -10.32 1.50
C LYS A 202 14.09 -10.29 1.52
N ARG A 203 15.37 -10.01 1.25
CA ARG A 203 16.04 -10.35 -0.03
C ARG A 203 16.13 -11.86 -0.17
N VAL A 204 16.32 -12.57 0.93
CA VAL A 204 16.37 -14.06 0.92
C VAL A 204 14.99 -14.59 0.53
N ASP A 205 13.91 -13.96 0.98
CA ASP A 205 12.50 -14.35 0.66
C ASP A 205 12.24 -14.15 -0.84
N ILE A 206 12.74 -13.05 -1.39
CA ILE A 206 12.52 -12.71 -2.82
C ILE A 206 13.19 -13.76 -3.70
N TRP A 207 14.39 -14.22 -3.35
CA TRP A 207 15.10 -15.30 -4.06
C TRP A 207 14.17 -16.51 -4.15
N ALA A 208 13.68 -16.94 -2.99
CA ALA A 208 12.79 -18.12 -2.86
C ALA A 208 11.50 -17.87 -3.66
N PHE A 209 10.98 -16.64 -3.65
CA PHE A 209 9.75 -16.29 -4.39
C PHE A 209 10.00 -16.53 -5.88
N GLY A 210 11.19 -16.13 -6.32
CA GLY A 210 11.61 -16.32 -7.72
C GLY A 210 11.55 -17.78 -8.10
N LEU A 211 12.03 -18.68 -7.23
CA LEU A 211 12.02 -20.14 -7.49
C LEU A 211 10.58 -20.65 -7.54
N VAL A 212 9.71 -20.14 -6.67
CA VAL A 212 8.29 -20.65 -6.58
C VAL A 212 7.60 -20.27 -7.88
N LEU A 213 7.78 -19.02 -8.29
CA LEU A 213 7.29 -18.46 -9.56
C LEU A 213 7.67 -19.38 -10.74
N TRP A 214 8.94 -19.74 -10.84
CA TRP A 214 9.46 -20.74 -11.80
C TRP A 214 8.67 -22.04 -11.70
N GLU A 215 8.40 -22.54 -10.49
CA GLU A 215 7.72 -23.86 -10.33
C GLU A 215 6.28 -23.78 -10.91
N VAL A 216 5.65 -22.64 -10.71
CA VAL A 216 4.24 -22.35 -11.13
C VAL A 216 4.20 -22.13 -12.65
N ALA A 217 5.04 -21.23 -13.16
CA ALA A 217 5.08 -20.84 -14.60
C ALA A 217 5.25 -22.10 -15.46
N ARG A 218 6.04 -23.07 -15.03
CA ARG A 218 6.28 -24.35 -15.76
C ARG A 218 4.94 -25.05 -16.01
N ARG A 219 3.95 -24.85 -15.13
CA ARG A 219 2.71 -25.68 -15.18
C ARG A 219 1.63 -24.95 -15.96
N MET A 220 1.90 -23.71 -16.37
CA MET A 220 0.99 -22.90 -17.19
C MET A 220 1.13 -23.33 -18.66
N VAL A 221 0.02 -23.71 -19.30
CA VAL A 221 -0.02 -24.19 -20.70
C VAL A 221 0.11 -22.99 -21.65
N SER A 222 0.91 -23.13 -22.71
CA SER A 222 0.90 -22.18 -23.84
C SER A 222 1.13 -23.01 -25.11
N ASN A 223 0.35 -22.71 -26.15
N ASN A 223 0.33 -22.73 -26.14
CA ASN A 223 0.44 -23.37 -27.47
CA ASN A 223 0.47 -23.38 -27.47
C ASN A 223 0.45 -24.90 -27.27
C ASN A 223 0.45 -24.90 -27.28
N GLY A 224 -0.40 -25.40 -26.38
CA GLY A 224 -0.57 -26.84 -26.13
C GLY A 224 0.64 -27.47 -25.47
N ILE A 225 1.54 -26.66 -24.93
CA ILE A 225 2.82 -27.14 -24.29
C ILE A 225 2.78 -26.77 -22.81
N VAL A 226 3.26 -27.69 -21.98
CA VAL A 226 3.45 -27.43 -20.52
C VAL A 226 4.63 -28.30 -20.08
N GLU A 227 5.42 -27.83 -19.11
CA GLU A 227 6.47 -28.67 -18.46
C GLU A 227 5.84 -29.46 -17.32
N ASP A 228 6.40 -30.64 -17.02
CA ASP A 228 5.98 -31.46 -15.87
C ASP A 228 6.46 -30.75 -14.59
N TYR A 229 5.81 -31.03 -13.45
CA TYR A 229 6.21 -30.44 -12.14
C TYR A 229 7.64 -30.91 -11.80
N LYS A 230 8.52 -29.96 -11.54
CA LYS A 230 9.84 -30.22 -10.95
C LYS A 230 10.16 -29.17 -9.90
N PRO A 231 10.89 -29.57 -8.85
CA PRO A 231 11.37 -28.65 -7.84
C PRO A 231 12.57 -27.91 -8.38
N PRO A 232 12.84 -26.71 -7.84
CA PRO A 232 13.96 -25.92 -8.33
C PRO A 232 15.27 -26.74 -8.23
N PHE A 233 16.12 -26.65 -9.26
CA PHE A 233 17.46 -27.27 -9.34
C PHE A 233 17.33 -28.80 -9.40
N TYR A 234 16.20 -29.34 -9.82
CA TYR A 234 15.98 -30.81 -9.97
C TYR A 234 17.02 -31.43 -10.89
N ASP A 235 17.55 -30.67 -11.84
CA ASP A 235 18.45 -31.21 -12.89
C ASP A 235 19.92 -31.13 -12.47
N VAL A 236 20.27 -30.47 -11.36
CA VAL A 236 21.70 -30.23 -11.00
C VAL A 236 22.05 -30.71 -9.58
N VAL A 237 21.09 -31.06 -8.72
CA VAL A 237 21.37 -31.56 -7.34
C VAL A 237 20.54 -32.82 -7.11
N PRO A 238 20.98 -33.71 -6.20
CA PRO A 238 20.16 -34.86 -5.83
C PRO A 238 18.91 -34.45 -5.04
N ASN A 239 18.02 -35.40 -4.79
CA ASN A 239 17.05 -35.32 -3.66
C ASN A 239 17.79 -34.97 -2.36
N ASP A 240 17.20 -34.12 -1.51
CA ASP A 240 17.83 -33.80 -0.21
C ASP A 240 19.27 -33.34 -0.49
N PRO A 241 19.42 -32.34 -1.36
CA PRO A 241 20.76 -31.83 -1.65
C PRO A 241 21.44 -31.48 -0.32
N SER A 242 22.75 -31.62 -0.27
CA SER A 242 23.56 -31.14 0.86
C SER A 242 23.72 -29.63 0.70
N PHE A 243 24.13 -28.97 1.76
CA PHE A 243 24.56 -27.56 1.78
C PHE A 243 25.62 -27.36 0.69
N GLU A 244 26.59 -28.28 0.60
CA GLU A 244 27.72 -28.17 -0.37
C GLU A 244 27.21 -28.32 -1.80
N ASP A 245 26.35 -29.32 -2.05
CA ASP A 245 25.66 -29.46 -3.36
C ASP A 245 25.09 -28.11 -3.79
N MET A 246 24.33 -27.46 -2.92
CA MET A 246 23.61 -26.22 -3.23
C MET A 246 24.61 -25.09 -3.45
N ARG A 247 25.62 -24.98 -2.59
CA ARG A 247 26.62 -23.86 -2.67
C ARG A 247 27.38 -23.94 -4.02
N LYS A 248 27.74 -25.13 -4.47
CA LYS A 248 28.49 -25.32 -5.74
C LYS A 248 27.64 -24.80 -6.93
N VAL A 249 26.37 -25.20 -6.99
CA VAL A 249 25.42 -24.82 -8.07
C VAL A 249 25.18 -23.30 -8.03
N VAL A 250 24.73 -22.80 -6.90
CA VAL A 250 24.15 -21.43 -6.78
C VAL A 250 25.27 -20.40 -6.64
N CYS A 251 26.34 -20.73 -5.91
CA CYS A 251 27.37 -19.75 -5.51
C CYS A 251 28.59 -19.83 -6.40
N VAL A 252 29.15 -21.03 -6.57
CA VAL A 252 30.42 -21.23 -7.33
C VAL A 252 30.10 -21.13 -8.82
N ASP A 253 29.20 -21.97 -9.34
CA ASP A 253 28.83 -22.01 -10.79
C ASP A 253 27.82 -20.91 -11.15
N GLN A 254 27.10 -20.34 -10.16
CA GLN A 254 26.09 -19.29 -10.36
C GLN A 254 24.98 -19.77 -11.32
N GLN A 255 24.61 -21.04 -11.23
CA GLN A 255 23.50 -21.58 -12.05
C GLN A 255 22.15 -21.04 -11.57
N ARG A 256 21.20 -20.92 -12.50
CA ARG A 256 19.80 -20.51 -12.25
C ARG A 256 18.88 -21.49 -12.97
N PRO A 257 17.63 -21.65 -12.52
CA PRO A 257 16.72 -22.59 -13.20
C PRO A 257 16.58 -22.24 -14.69
N ASN A 258 16.44 -23.24 -15.56
N ASN A 258 16.41 -23.27 -15.53
CA ASN A 258 16.42 -23.01 -17.04
CA ASN A 258 16.28 -23.15 -17.02
C ASN A 258 15.02 -22.56 -17.47
C ASN A 258 14.95 -22.45 -17.35
N ILE A 259 14.96 -21.48 -18.27
CA ILE A 259 13.74 -20.92 -18.91
C ILE A 259 13.57 -21.60 -20.26
N PRO A 260 12.51 -22.43 -20.46
CA PRO A 260 12.30 -23.10 -21.74
C PRO A 260 12.03 -22.09 -22.86
N ASN A 261 12.49 -22.41 -24.07
CA ASN A 261 12.18 -21.68 -25.33
C ASN A 261 10.67 -21.37 -25.45
N ARG A 262 9.82 -22.36 -25.20
CA ARG A 262 8.35 -22.20 -25.43
C ARG A 262 7.78 -20.99 -24.66
N TRP A 263 8.42 -20.55 -23.58
CA TRP A 263 7.88 -19.41 -22.77
C TRP A 263 7.95 -18.14 -23.60
N PHE A 264 8.90 -18.09 -24.53
CA PHE A 264 9.22 -16.87 -25.30
C PHE A 264 8.22 -16.66 -26.44
N SER A 265 7.37 -17.64 -26.74
CA SER A 265 6.17 -17.49 -27.61
C SER A 265 4.93 -17.02 -26.82
N ASP A 266 4.97 -17.00 -25.48
CA ASP A 266 3.83 -16.55 -24.64
C ASP A 266 4.16 -15.25 -23.95
N PRO A 267 3.36 -14.17 -24.11
CA PRO A 267 3.68 -12.88 -23.51
C PRO A 267 3.71 -12.93 -21.97
N THR A 268 2.91 -13.81 -21.38
CA THR A 268 2.78 -13.91 -19.90
C THR A 268 4.07 -14.55 -19.37
N LEU A 269 4.38 -15.76 -19.83
CA LEU A 269 5.59 -16.51 -19.43
C LEU A 269 6.85 -15.69 -19.76
N THR A 270 6.84 -14.92 -20.85
CA THR A 270 7.95 -14.01 -21.21
C THR A 270 8.09 -12.95 -20.10
N SER A 271 7.00 -12.31 -19.67
CA SER A 271 7.03 -11.31 -18.56
C SER A 271 7.39 -12.01 -17.23
N LEU A 272 6.93 -13.22 -17.00
CA LEU A 272 7.26 -13.90 -15.72
C LEU A 272 8.76 -14.25 -15.72
N ALA A 273 9.33 -14.64 -16.86
CA ALA A 273 10.77 -15.00 -16.98
C ALA A 273 11.60 -13.79 -16.59
N LYS A 274 11.26 -12.63 -17.12
CA LYS A 274 11.94 -11.36 -16.78
C LYS A 274 11.86 -11.21 -15.25
N LEU A 275 10.67 -11.40 -14.68
CA LEU A 275 10.41 -11.16 -13.24
C LEU A 275 11.25 -12.11 -12.39
N MET A 276 11.23 -13.41 -12.69
CA MET A 276 11.96 -14.39 -11.85
C MET A 276 13.46 -14.10 -11.93
N LYS A 277 13.97 -13.67 -13.08
CA LYS A 277 15.42 -13.39 -13.22
C LYS A 277 15.78 -12.20 -12.33
N GLU A 278 14.85 -11.28 -12.10
N GLU A 278 14.83 -11.29 -12.11
CA GLU A 278 15.11 -10.07 -11.28
CA GLU A 278 15.02 -10.05 -11.30
C GLU A 278 14.99 -10.40 -9.80
C GLU A 278 14.82 -10.37 -9.80
N CYS A 279 14.59 -11.64 -9.47
CA CYS A 279 14.58 -12.18 -8.08
C CYS A 279 15.85 -12.99 -7.82
N TRP A 280 16.65 -13.28 -8.86
CA TRP A 280 17.76 -14.26 -8.82
C TRP A 280 19.14 -13.61 -8.96
N TYR A 281 19.28 -12.27 -8.90
CA TYR A 281 20.61 -11.61 -8.94
C TYR A 281 21.43 -12.12 -7.74
N GLN A 282 22.72 -12.37 -7.96
CA GLN A 282 23.70 -12.73 -6.90
CA GLN A 282 23.64 -12.77 -6.86
C GLN A 282 23.68 -11.62 -5.85
N ASN A 283 23.69 -10.37 -6.32
CA ASN A 283 23.71 -9.18 -5.44
C ASN A 283 22.31 -8.98 -4.85
N PRO A 284 22.12 -9.21 -3.54
CA PRO A 284 20.77 -9.14 -2.96
C PRO A 284 20.13 -7.77 -3.15
N SER A 285 20.91 -6.68 -3.08
CA SER A 285 20.37 -5.30 -3.15
C SER A 285 19.74 -5.03 -4.52
N ALA A 286 20.15 -5.75 -5.57
CA ALA A 286 19.69 -5.56 -6.97
C ALA A 286 18.35 -6.27 -7.19
N ARG A 287 17.96 -7.22 -6.33
CA ARG A 287 16.67 -7.96 -6.48
C ARG A 287 15.47 -7.01 -6.33
N LEU A 288 14.38 -7.29 -7.04
CA LEU A 288 13.07 -6.60 -6.88
C LEU A 288 12.57 -6.74 -5.45
N THR A 289 11.85 -5.73 -4.98
CA THR A 289 11.06 -5.76 -3.73
C THR A 289 9.71 -6.43 -4.03
N ALA A 290 9.07 -7.00 -3.01
CA ALA A 290 7.73 -7.63 -3.09
C ALA A 290 6.75 -6.61 -3.67
N LEU A 291 6.81 -5.36 -3.22
CA LEU A 291 5.92 -4.28 -3.68
C LEU A 291 6.13 -4.05 -5.17
N ARG A 292 7.37 -4.03 -5.65
CA ARG A 292 7.66 -3.87 -7.11
C ARG A 292 7.13 -5.09 -7.87
N ILE A 293 7.35 -6.31 -7.39
CA ILE A 293 6.81 -7.54 -8.03
C ILE A 293 5.28 -7.42 -8.16
N LYS A 294 4.61 -6.93 -7.13
CA LYS A 294 3.14 -6.79 -7.11
C LYS A 294 2.73 -5.81 -8.23
N LYS A 295 3.36 -4.63 -8.27
CA LYS A 295 3.07 -3.61 -9.31
C LYS A 295 3.24 -4.27 -10.69
N THR A 296 4.37 -4.94 -10.92
CA THR A 296 4.71 -5.57 -12.22
C THR A 296 3.63 -6.61 -12.58
N LEU A 297 3.15 -7.40 -11.62
CA LEU A 297 2.20 -8.51 -11.92
C LEU A 297 0.80 -7.98 -12.27
N THR A 298 0.46 -6.75 -11.87
CA THR A 298 -0.87 -6.15 -12.15
C THR A 298 -0.87 -5.54 -13.56
N LYS A 299 0.32 -5.20 -14.10
CA LYS A 299 0.49 -4.72 -15.49
C LYS A 299 0.62 -5.89 -16.46
N ILE A 300 0.68 -7.13 -15.98
CA ILE A 300 0.77 -8.33 -16.87
C ILE A 300 -0.67 -8.78 -17.12
N ASP A 301 -1.08 -8.80 -18.40
CA ASP A 301 -2.48 -9.01 -18.87
C ASP A 301 -3.37 -7.90 -18.30
N ALA B 7 -3.87 42.27 24.13
CA ALA B 7 -5.08 41.38 24.13
C ALA B 7 -4.74 40.08 23.37
N ARG B 8 -4.23 39.09 24.09
CA ARG B 8 -3.93 37.72 23.57
C ARG B 8 -5.15 36.81 23.78
N ASP B 9 -6.17 37.30 24.51
CA ASP B 9 -7.34 36.50 24.99
C ASP B 9 -8.15 36.00 23.80
N ILE B 10 -8.59 34.73 23.86
CA ILE B 10 -9.37 34.03 22.80
C ILE B 10 -10.65 33.49 23.44
N THR B 11 -11.81 33.73 22.80
CA THR B 11 -13.11 33.13 23.20
C THR B 11 -13.55 32.11 22.15
N LEU B 12 -13.73 30.85 22.56
CA LEU B 12 -14.28 29.78 21.70
C LEU B 12 -15.81 29.97 21.63
N LEU B 13 -16.38 30.20 20.44
CA LEU B 13 -17.81 30.55 20.23
C LEU B 13 -18.62 29.33 19.77
N GLU B 14 -18.14 28.51 18.83
CA GLU B 14 -18.87 27.28 18.40
C GLU B 14 -17.98 26.34 17.58
N CYS B 15 -18.20 25.04 17.76
CA CYS B 15 -17.45 23.99 17.04
C CYS B 15 -17.92 23.96 15.58
N VAL B 16 -16.99 24.14 14.64
CA VAL B 16 -17.28 24.12 13.17
C VAL B 16 -16.77 22.80 12.56
N GLY B 17 -16.30 21.85 13.36
CA GLY B 17 -15.64 20.63 12.85
C GLY B 17 -15.12 19.79 13.99
N LYS B 18 -15.26 18.47 13.88
CA LYS B 18 -14.90 17.47 14.92
C LYS B 18 -14.52 16.19 14.18
N GLY B 19 -13.38 15.58 14.49
CA GLY B 19 -12.92 14.33 13.84
C GLY B 19 -11.69 13.74 14.50
N ARG B 20 -11.08 12.74 13.85
CA ARG B 20 -9.84 12.05 14.29
C ARG B 20 -8.68 13.06 14.45
N TYR B 21 -8.73 14.19 13.74
CA TYR B 21 -7.72 15.28 13.78
C TYR B 21 -7.86 16.12 15.05
N GLY B 22 -9.01 16.04 15.72
CA GLY B 22 -9.36 16.92 16.86
C GLY B 22 -10.61 17.71 16.54
N GLU B 23 -10.59 19.02 16.80
CA GLU B 23 -11.77 19.89 16.69
C GLU B 23 -11.32 21.25 16.17
N VAL B 24 -12.18 21.92 15.41
CA VAL B 24 -11.95 23.33 15.02
C VAL B 24 -13.14 24.14 15.52
N TRP B 25 -12.87 25.36 15.96
CA TRP B 25 -13.82 26.25 16.67
C TRP B 25 -13.75 27.61 16.00
N ARG B 26 -14.90 28.21 15.70
CA ARG B 26 -14.94 29.68 15.48
C ARG B 26 -14.69 30.31 16.84
N GLY B 27 -13.76 31.24 16.93
CA GLY B 27 -13.51 32.00 18.16
C GLY B 27 -13.42 33.47 17.85
N SER B 28 -13.40 34.30 18.88
CA SER B 28 -13.08 35.75 18.77
C SER B 28 -11.72 36.02 19.41
N TRP B 29 -10.97 36.94 18.84
CA TRP B 29 -9.62 37.34 19.29
C TRP B 29 -9.38 38.75 18.77
N GLN B 30 -9.30 39.74 19.66
CA GLN B 30 -9.14 41.17 19.33
C GLN B 30 -10.31 41.61 18.43
N GLY B 31 -11.52 41.12 18.72
CA GLY B 31 -12.77 41.49 18.02
C GLY B 31 -12.85 40.97 16.60
N GLU B 32 -11.89 40.15 16.16
CA GLU B 32 -11.85 39.49 14.83
C GLU B 32 -12.26 38.02 15.01
N ASN B 33 -12.95 37.44 14.03
CA ASN B 33 -13.21 35.98 13.99
C ASN B 33 -11.87 35.29 13.73
N VAL B 34 -11.63 34.17 14.41
CA VAL B 34 -10.45 33.31 14.16
C VAL B 34 -10.93 31.86 14.17
N ALA B 35 -10.13 30.97 13.59
CA ALA B 35 -10.30 29.51 13.66
C ALA B 35 -9.26 28.95 14.64
N VAL B 36 -9.68 28.06 15.53
CA VAL B 36 -8.83 27.46 16.60
C VAL B 36 -8.95 25.95 16.44
N LYS B 37 -7.91 25.32 15.92
CA LYS B 37 -7.82 23.84 15.88
C LYS B 37 -7.15 23.39 17.18
N ILE B 38 -7.79 22.44 17.87
CA ILE B 38 -7.24 21.75 19.07
C ILE B 38 -7.04 20.31 18.61
N PHE B 39 -5.79 19.86 18.55
CA PHE B 39 -5.43 18.57 17.89
C PHE B 39 -5.76 17.42 18.81
N SER B 40 -6.05 16.27 18.24
CA SER B 40 -6.14 14.99 19.00
C SER B 40 -4.73 14.59 19.43
N SER B 41 -4.63 13.82 20.53
CA SER B 41 -3.37 13.18 21.01
C SER B 41 -2.71 12.46 19.84
N ARG B 42 -3.50 11.70 19.08
CA ARG B 42 -3.15 10.94 17.85
C ARG B 42 -2.33 11.78 16.86
N ASP B 43 -2.59 13.10 16.79
N ASP B 43 -2.62 13.08 16.73
CA ASP B 43 -2.14 13.99 15.69
CA ASP B 43 -2.06 13.94 15.64
C ASP B 43 -1.06 14.97 16.19
C ASP B 43 -1.07 14.98 16.20
N GLU B 44 -0.39 14.68 17.31
CA GLU B 44 0.57 15.63 17.94
C GLU B 44 1.74 15.92 16.97
N LYS B 45 2.19 14.92 16.22
CA LYS B 45 3.31 15.06 15.23
C LYS B 45 2.91 16.06 14.12
N SER B 46 1.65 16.04 13.65
CA SER B 46 1.10 16.99 12.65
C SER B 46 1.13 18.42 13.19
N TRP B 47 0.76 18.59 14.45
CA TRP B 47 0.77 19.91 15.12
C TRP B 47 2.18 20.47 15.03
N PHE B 48 3.16 19.67 15.38
CA PHE B 48 4.58 20.13 15.39
C PHE B 48 5.03 20.43 13.95
N ARG B 49 4.77 19.52 13.02
CA ARG B 49 5.17 19.69 11.59
C ARG B 49 4.57 20.98 11.01
N GLU B 50 3.30 21.23 11.27
CA GLU B 50 2.57 22.42 10.74
C GLU B 50 3.20 23.68 11.35
N THR B 51 3.55 23.62 12.64
CA THR B 51 4.16 24.77 13.37
C THR B 51 5.52 25.07 12.72
N GLU B 52 6.29 24.04 12.38
CA GLU B 52 7.58 24.19 11.65
C GLU B 52 7.34 24.89 10.29
N LEU B 53 6.43 24.35 9.48
CA LEU B 53 6.05 24.92 8.16
C LEU B 53 5.71 26.39 8.32
N TYR B 54 4.79 26.72 9.22
CA TYR B 54 4.26 28.09 9.38
C TYR B 54 5.36 29.04 9.87
N ASN B 55 6.47 28.51 10.40
CA ASN B 55 7.64 29.34 10.77
C ASN B 55 8.37 29.87 9.53
N THR B 56 8.23 29.22 8.37
CA THR B 56 8.86 29.65 7.10
C THR B 56 8.53 31.13 6.80
N ARG B 60 3.54 33.06 4.01
CA ARG B 60 2.34 33.94 3.90
C ARG B 60 2.01 34.08 2.41
N HIS B 61 0.72 34.06 2.07
CA HIS B 61 0.22 34.09 0.67
C HIS B 61 -1.31 34.07 0.66
N GLU B 62 -1.92 34.77 -0.28
CA GLU B 62 -3.39 34.94 -0.41
C GLU B 62 -4.11 33.58 -0.48
N ASN B 63 -3.46 32.52 -0.97
CA ASN B 63 -4.11 31.20 -1.22
C ASN B 63 -3.49 30.12 -0.29
N ILE B 64 -2.89 30.55 0.83
CA ILE B 64 -2.49 29.66 1.97
C ILE B 64 -3.19 30.15 3.24
N LEU B 65 -3.93 29.27 3.93
CA LEU B 65 -4.55 29.58 5.25
C LEU B 65 -3.58 30.40 6.10
N GLY B 66 -3.99 31.61 6.51
CA GLY B 66 -3.14 32.58 7.23
C GLY B 66 -2.98 32.22 8.70
N PHE B 67 -1.73 32.14 9.15
CA PHE B 67 -1.28 31.75 10.52
C PHE B 67 -1.46 32.94 11.48
N ILE B 68 -1.98 32.69 12.68
CA ILE B 68 -2.04 33.69 13.79
C ILE B 68 -1.05 33.23 14.88
N ALA B 69 -1.24 32.03 15.41
CA ALA B 69 -0.40 31.50 16.49
C ALA B 69 -0.50 29.98 16.56
N SER B 70 0.50 29.39 17.21
CA SER B 70 0.55 27.94 17.55
C SER B 70 0.99 27.84 19.00
N ASP B 71 0.36 26.95 19.77
CA ASP B 71 0.60 26.79 21.23
C ASP B 71 0.61 25.31 21.61
N MET B 72 1.58 24.94 22.42
CA MET B 72 1.52 23.70 23.24
C MET B 72 1.41 24.12 24.70
N THR B 73 0.37 23.68 25.40
CA THR B 73 0.14 24.02 26.83
C THR B 73 0.07 22.73 27.64
N SER B 74 0.63 22.73 28.85
CA SER B 74 0.50 21.56 29.76
C SER B 74 0.51 21.98 31.24
N ARG B 75 -0.34 21.32 32.03
CA ARG B 75 -0.23 21.22 33.49
C ARG B 75 -0.36 19.76 33.83
N HIS B 76 0.50 19.25 34.72
CA HIS B 76 0.46 17.83 35.13
C HIS B 76 0.66 16.99 33.87
N SER B 77 -0.15 15.95 33.64
CA SER B 77 0.14 14.89 32.66
C SER B 77 -0.54 15.19 31.32
N SER B 78 -1.28 16.29 31.21
CA SER B 78 -2.14 16.53 30.02
C SER B 78 -1.61 17.74 29.21
N THR B 79 -1.62 17.60 27.89
CA THR B 79 -1.10 18.62 26.94
C THR B 79 -2.23 19.02 25.99
N GLN B 80 -2.36 20.31 25.71
CA GLN B 80 -3.25 20.82 24.63
C GLN B 80 -2.36 21.41 23.52
N LEU B 81 -2.76 21.16 22.27
CA LEU B 81 -2.06 21.62 21.06
C LEU B 81 -3.05 22.45 20.25
N TRP B 82 -2.75 23.73 20.11
CA TRP B 82 -3.59 24.76 19.45
C TRP B 82 -2.93 25.22 18.16
N LEU B 83 -3.74 25.47 17.14
CA LEU B 83 -3.38 26.24 15.93
C LEU B 83 -4.48 27.26 15.68
N ILE B 84 -4.10 28.52 15.66
CA ILE B 84 -5.04 29.65 15.48
C ILE B 84 -4.74 30.25 14.10
N THR B 85 -5.77 30.35 13.27
CA THR B 85 -5.67 30.90 11.89
C THR B 85 -6.79 31.91 11.68
N HIS B 86 -6.77 32.56 10.54
CA HIS B 86 -7.93 33.32 10.02
C HIS B 86 -9.11 32.38 9.81
N TYR B 87 -10.30 32.97 9.87
CA TYR B 87 -11.58 32.24 9.79
C TYR B 87 -12.12 32.46 8.37
N HIS B 88 -12.65 31.42 7.73
CA HIS B 88 -13.34 31.55 6.42
C HIS B 88 -14.80 31.12 6.59
N GLU B 89 -15.67 32.14 6.74
CA GLU B 89 -17.14 32.02 6.96
C GLU B 89 -17.72 30.91 6.08
N MET B 90 -17.37 30.95 4.79
CA MET B 90 -18.04 30.12 3.74
C MET B 90 -17.57 28.67 3.83
N GLY B 91 -16.55 28.36 4.66
CA GLY B 91 -16.21 26.97 5.01
C GLY B 91 -15.30 26.34 3.98
N SER B 92 -15.29 25.01 3.87
CA SER B 92 -14.41 24.28 2.93
C SER B 92 -15.06 24.26 1.54
N LEU B 93 -14.23 24.14 0.49
CA LEU B 93 -14.67 23.90 -0.91
C LEU B 93 -15.62 22.70 -0.93
N TYR B 94 -15.30 21.66 -0.15
CA TYR B 94 -16.13 20.44 -0.08
C TYR B 94 -17.55 20.84 0.34
N ASP B 95 -17.65 21.67 1.39
CA ASP B 95 -18.93 22.25 1.90
C ASP B 95 -19.59 23.06 0.78
N TYR B 96 -18.90 24.08 0.28
CA TYR B 96 -19.37 25.07 -0.70
C TYR B 96 -19.96 24.38 -1.95
N LEU B 97 -19.33 23.32 -2.45
CA LEU B 97 -19.71 22.64 -3.71
C LEU B 97 -20.97 21.81 -3.50
N GLN B 98 -21.35 21.50 -2.27
CA GLN B 98 -22.50 20.60 -1.96
C GLN B 98 -23.81 21.21 -2.48
N LEU B 99 -24.01 22.50 -2.26
CA LEU B 99 -25.28 23.20 -2.53
C LEU B 99 -24.95 24.59 -3.11
N THR B 100 -23.97 24.63 -4.00
CA THR B 100 -23.68 25.78 -4.90
CA THR B 100 -23.83 25.76 -4.95
C THR B 100 -23.28 25.22 -6.27
N THR B 101 -23.80 25.78 -7.36
CA THR B 101 -23.33 25.49 -8.74
C THR B 101 -22.53 26.72 -9.17
N LEU B 102 -21.70 26.57 -10.21
CA LEU B 102 -20.72 27.61 -10.61
C LEU B 102 -21.02 28.04 -12.05
N ASP B 103 -20.66 29.28 -12.39
CA ASP B 103 -20.58 29.71 -13.80
C ASP B 103 -19.10 29.64 -14.18
N THR B 104 -18.77 29.97 -15.42
CA THR B 104 -17.40 29.85 -15.97
C THR B 104 -16.44 30.69 -15.11
N VAL B 105 -16.85 31.89 -14.72
CA VAL B 105 -15.96 32.85 -14.03
C VAL B 105 -15.65 32.31 -12.62
N SER B 106 -16.68 31.93 -11.87
N SER B 106 -16.68 31.89 -11.88
CA SER B 106 -16.55 31.37 -10.49
CA SER B 106 -16.57 31.39 -10.47
C SER B 106 -15.71 30.09 -10.52
C SER B 106 -15.85 30.04 -10.45
N CYS B 107 -15.96 29.22 -11.49
CA CYS B 107 -15.27 27.92 -11.59
C CYS B 107 -13.77 28.15 -11.76
N LEU B 108 -13.37 29.01 -12.70
CA LEU B 108 -11.93 29.25 -13.00
C LEU B 108 -11.27 30.01 -11.84
N ARG B 109 -11.95 31.02 -11.28
CA ARG B 109 -11.42 31.81 -10.15
C ARG B 109 -10.98 30.83 -9.06
N ILE B 110 -11.88 29.93 -8.67
CA ILE B 110 -11.63 28.87 -7.64
C ILE B 110 -10.39 28.03 -8.03
N VAL B 111 -10.35 27.48 -9.24
CA VAL B 111 -9.30 26.48 -9.60
C VAL B 111 -7.98 27.22 -9.85
N LEU B 112 -8.00 28.41 -10.45
CA LEU B 112 -6.79 29.24 -10.63
C LEU B 112 -6.19 29.61 -9.26
N SER B 113 -7.01 29.91 -8.26
CA SER B 113 -6.52 30.29 -6.91
C SER B 113 -5.85 29.08 -6.23
N ILE B 114 -6.43 27.90 -6.41
CA ILE B 114 -5.86 26.67 -5.80
C ILE B 114 -4.50 26.42 -6.48
N ALA B 115 -4.45 26.58 -7.79
CA ALA B 115 -3.22 26.32 -8.57
C ALA B 115 -2.12 27.30 -8.16
N SER B 116 -2.47 28.56 -7.89
N SER B 116 -2.50 28.56 -7.91
CA SER B 116 -1.51 29.63 -7.49
CA SER B 116 -1.61 29.67 -7.47
C SER B 116 -0.97 29.35 -6.09
C SER B 116 -1.00 29.32 -6.10
N GLY B 117 -1.85 29.03 -5.13
CA GLY B 117 -1.46 28.57 -3.79
C GLY B 117 -0.48 27.41 -3.91
N LEU B 118 -0.79 26.42 -4.73
CA LEU B 118 0.02 25.19 -4.81
C LEU B 118 1.33 25.47 -5.50
N ALA B 119 1.31 26.28 -6.56
CA ALA B 119 2.52 26.76 -7.26
C ALA B 119 3.42 27.46 -6.23
N HIS B 120 2.83 28.35 -5.43
CA HIS B 120 3.54 29.08 -4.34
C HIS B 120 4.16 28.07 -3.36
N LEU B 121 3.43 27.03 -2.96
CA LEU B 121 3.97 26.02 -2.03
C LEU B 121 5.17 25.34 -2.68
N HIS B 122 4.97 24.87 -3.90
CA HIS B 122 5.92 23.99 -4.65
C HIS B 122 7.23 24.71 -4.99
N ILE B 123 7.23 26.04 -5.17
CA ILE B 123 8.38 26.80 -5.73
C ILE B 123 9.20 27.38 -4.58
N GLU B 124 10.51 27.06 -4.52
CA GLU B 124 11.51 27.73 -3.66
C GLU B 124 11.59 29.23 -4.00
N ILE B 125 11.53 30.11 -3.00
CA ILE B 125 11.98 31.55 -3.06
C ILE B 125 13.28 31.67 -2.24
N PHE B 126 14.22 32.54 -2.64
CA PHE B 126 15.62 32.53 -2.15
C PHE B 126 15.89 33.71 -1.20
N LYS B 131 11.79 31.20 1.43
CA LYS B 131 10.79 30.10 1.55
C LYS B 131 11.29 28.85 0.85
N PRO B 132 11.40 27.69 1.52
CA PRO B 132 11.76 26.44 0.84
C PRO B 132 10.61 25.96 -0.05
N ALA B 133 10.90 24.99 -0.91
CA ALA B 133 9.90 24.24 -1.68
C ALA B 133 9.11 23.41 -0.68
N ILE B 134 7.80 23.26 -0.87
CA ILE B 134 6.89 22.53 0.06
C ILE B 134 5.94 21.67 -0.79
N ALA B 135 5.87 20.38 -0.47
CA ALA B 135 4.83 19.46 -0.96
C ALA B 135 3.80 19.28 0.17
N HIS B 136 2.52 19.42 -0.15
CA HIS B 136 1.39 19.44 0.84
C HIS B 136 1.09 18.04 1.39
N ARG B 137 0.86 17.09 0.48
CA ARG B 137 0.66 15.64 0.71
C ARG B 137 -0.75 15.30 1.21
N ASP B 138 -1.62 16.27 1.45
CA ASP B 138 -3.02 15.93 1.87
C ASP B 138 -3.98 16.88 1.18
N LEU B 139 -3.77 17.15 -0.11
CA LEU B 139 -4.66 18.09 -0.82
C LEU B 139 -6.00 17.37 -1.08
N LYS B 140 -7.10 18.05 -0.73
CA LYS B 140 -8.49 17.57 -0.97
C LYS B 140 -9.43 18.75 -0.76
N SER B 141 -10.68 18.62 -1.18
CA SER B 141 -11.63 19.76 -1.16
C SER B 141 -11.87 20.19 0.29
N LYS B 142 -11.83 19.24 1.24
CA LYS B 142 -11.96 19.56 2.70
C LYS B 142 -10.76 20.35 3.22
N ASN B 143 -9.60 20.28 2.57
CA ASN B 143 -8.37 21.01 2.99
C ASN B 143 -8.22 22.28 2.17
N ILE B 144 -9.31 22.71 1.53
CA ILE B 144 -9.37 24.01 0.83
C ILE B 144 -10.55 24.79 1.39
N LEU B 145 -10.34 26.08 1.63
CA LEU B 145 -11.34 27.01 2.21
C LEU B 145 -11.69 28.07 1.17
N VAL B 146 -12.95 28.51 1.19
CA VAL B 146 -13.54 29.44 0.20
C VAL B 146 -13.56 30.84 0.81
N LYS B 147 -12.97 31.82 0.12
CA LYS B 147 -12.96 33.24 0.59
C LYS B 147 -14.12 34.02 -0.08
N LYS B 148 -14.56 35.10 0.59
CA LYS B 148 -15.71 35.96 0.20
C LYS B 148 -15.48 36.52 -1.21
N ASN B 149 -14.23 36.83 -1.57
CA ASN B 149 -13.84 37.29 -2.94
C ASN B 149 -13.91 36.13 -3.96
N GLY B 150 -14.36 34.94 -3.56
CA GLY B 150 -14.59 33.79 -4.47
C GLY B 150 -13.35 32.96 -4.71
N GLN B 151 -12.17 33.45 -4.33
CA GLN B 151 -10.89 32.69 -4.39
C GLN B 151 -10.83 31.69 -3.22
N CYS B 152 -9.88 30.75 -3.28
CA CYS B 152 -9.66 29.76 -2.21
C CYS B 152 -8.29 29.94 -1.55
N CYS B 153 -8.10 29.32 -0.37
CA CYS B 153 -6.77 29.12 0.26
C CYS B 153 -6.63 27.65 0.67
N ILE B 154 -5.42 27.12 0.51
CA ILE B 154 -5.02 25.76 0.93
C ILE B 154 -4.69 25.78 2.43
N ALA B 155 -5.14 24.74 3.12
CA ALA B 155 -5.01 24.56 4.57
C ALA B 155 -4.45 23.17 4.86
N ASP B 156 -3.97 22.99 6.10
CA ASP B 156 -3.50 21.70 6.69
C ASP B 156 -2.12 21.32 6.13
N LEU B 157 -1.06 21.89 6.69
CA LEU B 157 0.34 21.55 6.36
C LEU B 157 0.89 20.49 7.33
N GLY B 158 0.04 19.83 8.10
CA GLY B 158 0.43 18.78 9.07
C GLY B 158 1.22 17.63 8.46
N LEU B 159 1.13 17.40 7.14
CA LEU B 159 1.85 16.28 6.47
C LEU B 159 2.85 16.86 5.49
N ALA B 160 2.98 18.18 5.43
CA ALA B 160 3.75 18.87 4.38
C ALA B 160 5.23 18.50 4.54
N VAL B 161 5.98 18.47 3.43
CA VAL B 161 7.45 18.18 3.39
C VAL B 161 8.16 19.39 2.77
N MET B 162 9.36 19.71 3.27
CA MET B 162 10.16 20.90 2.86
C MET B 162 11.42 20.45 2.10
N HIS B 163 11.92 21.29 1.20
CA HIS B 163 13.19 21.08 0.46
C HIS B 163 13.79 22.43 0.05
N SER B 164 15.12 22.58 0.20
CA SER B 164 15.87 23.81 -0.16
C SER B 164 16.67 23.59 -1.46
N ASN B 174 8.13 10.49 5.66
CA ASN B 174 8.99 10.45 6.87
C ASN B 174 8.36 9.46 7.86
N ASN B 175 8.40 8.16 7.52
CA ASN B 175 7.89 6.99 8.30
C ASN B 175 6.88 6.22 7.42
N PRO B 176 5.53 6.31 7.60
CA PRO B 176 4.60 5.67 6.67
C PRO B 176 4.41 6.50 5.40
N ARG B 177 3.76 5.92 4.38
CA ARG B 177 3.30 6.66 3.17
C ARG B 177 1.75 6.76 3.21
N VAL B 178 1.19 7.88 3.69
CA VAL B 178 -0.28 8.07 3.96
C VAL B 178 -0.66 9.56 4.15
N GLY B 179 -1.70 10.02 3.42
CA GLY B 179 -2.62 11.17 3.63
C GLY B 179 -4.11 10.72 3.57
N THR B 180 -4.99 11.33 2.75
CA THR B 180 -6.45 10.91 2.63
C THR B 180 -6.64 9.88 1.51
N LYS B 181 -7.21 8.72 1.82
CA LYS B 181 -7.16 7.49 0.96
C LYS B 181 -7.71 7.79 -0.45
N ARG B 182 -8.87 8.42 -0.49
CA ARG B 182 -9.63 8.67 -1.74
C ARG B 182 -8.78 9.48 -2.72
N TYR B 183 -7.88 10.34 -2.23
CA TYR B 183 -7.06 11.25 -3.05
C TYR B 183 -5.63 10.76 -3.22
N MET B 184 -5.31 9.57 -2.73
CA MET B 184 -3.91 9.06 -2.78
C MET B 184 -3.54 8.70 -4.21
N ALA B 185 -2.36 9.15 -4.63
CA ALA B 185 -1.74 8.84 -5.94
C ALA B 185 -1.51 7.34 -6.07
N PRO B 186 -1.47 6.81 -7.31
CA PRO B 186 -1.20 5.39 -7.53
C PRO B 186 0.08 4.92 -6.84
N GLU B 187 1.14 5.75 -6.89
CA GLU B 187 2.49 5.42 -6.34
C GLU B 187 2.44 5.43 -4.81
N VAL B 188 1.44 6.09 -4.21
CA VAL B 188 1.20 6.03 -2.75
C VAL B 188 0.42 4.75 -2.43
N LEU B 189 -0.60 4.42 -3.21
CA LEU B 189 -1.48 3.25 -2.97
C LEU B 189 -0.74 1.92 -3.20
N ASP B 190 0.24 1.86 -4.11
CA ASP B 190 1.00 0.61 -4.39
C ASP B 190 2.36 0.68 -3.68
N GLU B 191 2.60 1.80 -2.98
CA GLU B 191 3.78 2.07 -2.11
C GLU B 191 5.07 1.85 -2.91
N THR B 192 5.08 2.25 -4.18
CA THR B 192 6.31 2.27 -5.02
C THR B 192 6.86 3.70 -5.04
N ILE B 193 6.28 4.64 -4.28
CA ILE B 193 6.71 6.06 -4.34
C ILE B 193 8.18 6.14 -3.91
N GLN B 194 8.95 6.97 -4.63
CA GLN B 194 10.38 7.27 -4.39
C GLN B 194 10.50 8.10 -3.10
N VAL B 195 10.50 7.42 -1.93
CA VAL B 195 10.33 8.05 -0.59
C VAL B 195 11.40 9.12 -0.35
N ASP B 196 12.55 9.05 -1.03
CA ASP B 196 13.71 9.92 -0.75
C ASP B 196 13.74 11.09 -1.73
N CYS B 197 12.82 11.13 -2.70
CA CYS B 197 12.79 12.13 -3.81
CA CYS B 197 12.80 12.14 -3.80
C CYS B 197 11.68 13.17 -3.56
N PHE B 198 12.05 14.42 -3.33
CA PHE B 198 11.10 15.51 -3.00
C PHE B 198 10.11 15.71 -4.14
N ASP B 199 10.60 15.56 -5.38
CA ASP B 199 9.79 15.68 -6.61
C ASP B 199 8.62 14.69 -6.55
N SER B 200 8.81 13.51 -5.95
CA SER B 200 7.70 12.53 -5.79
C SER B 200 6.51 13.18 -5.07
N TYR B 201 6.75 14.06 -4.09
CA TYR B 201 5.69 14.60 -3.19
C TYR B 201 4.94 15.70 -3.93
N LYS B 202 5.65 16.51 -4.71
CA LYS B 202 5.01 17.49 -5.61
C LYS B 202 4.05 16.74 -6.55
N ARG B 203 4.46 15.58 -7.05
CA ARG B 203 3.72 14.84 -8.09
C ARG B 203 2.43 14.27 -7.50
N VAL B 204 2.49 13.90 -6.23
CA VAL B 204 1.33 13.41 -5.44
C VAL B 204 0.34 14.57 -5.29
N ASP B 205 0.83 15.78 -5.03
CA ASP B 205 -0.02 16.99 -4.98
C ASP B 205 -0.76 17.17 -6.32
N ILE B 206 -0.09 16.98 -7.45
CA ILE B 206 -0.71 17.24 -8.78
C ILE B 206 -1.81 16.20 -9.04
N TRP B 207 -1.59 14.95 -8.66
CA TRP B 207 -2.64 13.93 -8.79
C TRP B 207 -3.90 14.38 -8.04
N ALA B 208 -3.76 14.68 -6.75
CA ALA B 208 -4.86 15.12 -5.86
C ALA B 208 -5.49 16.39 -6.42
N PHE B 209 -4.70 17.29 -7.00
CA PHE B 209 -5.24 18.55 -7.57
CA PHE B 209 -5.24 18.55 -7.57
C PHE B 209 -6.14 18.21 -8.76
N GLY B 210 -5.71 17.26 -9.57
CA GLY B 210 -6.54 16.77 -10.69
C GLY B 210 -7.92 16.38 -10.21
N LEU B 211 -8.00 15.66 -9.09
CA LEU B 211 -9.25 15.18 -8.47
C LEU B 211 -10.08 16.38 -7.99
N VAL B 212 -9.44 17.39 -7.42
CA VAL B 212 -10.15 18.60 -6.95
C VAL B 212 -10.72 19.33 -8.18
N LEU B 213 -9.96 19.47 -9.26
CA LEU B 213 -10.42 20.09 -10.54
C LEU B 213 -11.70 19.40 -10.98
N TRP B 214 -11.68 18.06 -11.00
CA TRP B 214 -12.85 17.25 -11.39
C TRP B 214 -14.06 17.55 -10.49
N GLU B 215 -13.87 17.60 -9.17
CA GLU B 215 -14.98 17.84 -8.21
C GLU B 215 -15.63 19.19 -8.50
N VAL B 216 -14.82 20.20 -8.80
CA VAL B 216 -15.24 21.60 -9.08
C VAL B 216 -15.93 21.69 -10.46
N ALA B 217 -15.33 21.10 -11.49
CA ALA B 217 -15.83 21.24 -12.88
C ALA B 217 -17.24 20.63 -12.95
N ARG B 218 -17.49 19.60 -12.17
CA ARG B 218 -18.78 18.87 -12.19
C ARG B 218 -19.90 19.84 -11.79
N ARG B 219 -19.54 20.88 -11.06
CA ARG B 219 -20.50 21.82 -10.44
C ARG B 219 -20.62 23.07 -11.31
N MET B 220 -19.88 23.15 -12.42
CA MET B 220 -20.00 24.32 -13.34
C MET B 220 -21.08 24.01 -14.37
N VAL B 221 -22.08 24.88 -14.46
CA VAL B 221 -23.21 24.75 -15.44
C VAL B 221 -22.69 25.03 -16.85
N SER B 222 -23.03 24.16 -17.80
CA SER B 222 -22.90 24.43 -19.26
C SER B 222 -24.15 23.92 -19.98
N ASN B 223 -24.73 24.77 -20.85
CA ASN B 223 -25.89 24.40 -21.71
C ASN B 223 -27.02 23.88 -20.80
N GLY B 224 -27.29 24.60 -19.71
CA GLY B 224 -28.27 24.21 -18.66
C GLY B 224 -28.03 22.84 -18.03
N ILE B 225 -26.82 22.30 -18.06
CA ILE B 225 -26.49 21.00 -17.39
C ILE B 225 -25.39 21.20 -16.32
N VAL B 226 -25.57 20.52 -15.19
CA VAL B 226 -24.57 20.43 -14.07
C VAL B 226 -24.69 19.04 -13.45
N GLU B 227 -23.58 18.49 -12.95
CA GLU B 227 -23.59 17.21 -12.21
C GLU B 227 -23.75 17.50 -10.69
N ASP B 228 -24.35 16.57 -9.97
CA ASP B 228 -24.39 16.57 -8.48
C ASP B 228 -22.95 16.53 -7.96
N TYR B 229 -22.70 17.13 -6.80
CA TYR B 229 -21.43 16.93 -6.04
C TYR B 229 -21.27 15.43 -5.79
N LYS B 230 -20.11 14.89 -6.17
CA LYS B 230 -19.63 13.54 -5.77
C LYS B 230 -18.16 13.65 -5.40
N PRO B 231 -17.70 12.86 -4.41
CA PRO B 231 -16.28 12.77 -4.10
C PRO B 231 -15.59 11.92 -5.16
N PRO B 232 -14.26 12.06 -5.37
CA PRO B 232 -13.53 11.21 -6.30
C PRO B 232 -13.83 9.72 -6.09
N PHE B 233 -14.11 8.97 -7.14
CA PHE B 233 -14.29 7.48 -7.12
C PHE B 233 -15.58 7.08 -6.39
N TYR B 234 -16.51 8.01 -6.16
CA TYR B 234 -17.81 7.73 -5.50
C TYR B 234 -18.48 6.49 -6.10
N ASP B 235 -18.31 6.27 -7.41
CA ASP B 235 -19.10 5.30 -8.20
C ASP B 235 -18.49 3.91 -8.10
N VAL B 236 -17.19 3.81 -7.82
CA VAL B 236 -16.39 2.55 -8.01
C VAL B 236 -15.90 1.96 -6.69
N VAL B 237 -15.96 2.67 -5.56
CA VAL B 237 -15.50 2.13 -4.23
C VAL B 237 -16.64 2.14 -3.21
N PRO B 238 -16.56 1.26 -2.18
CA PRO B 238 -17.50 1.29 -1.07
C PRO B 238 -17.44 2.67 -0.40
N ASN B 239 -18.51 3.05 0.29
CA ASN B 239 -18.53 4.18 1.25
C ASN B 239 -17.37 3.99 2.23
N ASP B 240 -16.75 5.10 2.63
CA ASP B 240 -15.60 5.10 3.55
C ASP B 240 -14.60 4.06 3.03
N PRO B 241 -14.06 4.26 1.81
CA PRO B 241 -13.16 3.28 1.21
C PRO B 241 -11.88 3.04 2.02
N SER B 242 -11.42 1.80 2.02
CA SER B 242 -10.14 1.38 2.63
C SER B 242 -9.00 1.70 1.66
N PHE B 243 -7.77 1.64 2.13
CA PHE B 243 -6.52 1.76 1.35
C PHE B 243 -6.51 0.69 0.25
N GLU B 244 -6.90 -0.55 0.57
CA GLU B 244 -6.96 -1.66 -0.43
C GLU B 244 -8.02 -1.31 -1.50
N ASP B 245 -9.15 -0.73 -1.07
CA ASP B 245 -10.29 -0.35 -1.94
C ASP B 245 -9.79 0.62 -3.02
N MET B 246 -9.11 1.69 -2.59
CA MET B 246 -8.53 2.72 -3.48
C MET B 246 -7.49 2.07 -4.39
N ARG B 247 -6.59 1.28 -3.82
CA ARG B 247 -5.52 0.58 -4.59
C ARG B 247 -6.17 -0.27 -5.68
N LYS B 248 -7.23 -1.03 -5.37
CA LYS B 248 -7.92 -1.86 -6.38
C LYS B 248 -8.31 -0.99 -7.59
N VAL B 249 -9.02 0.11 -7.36
CA VAL B 249 -9.63 0.88 -8.50
C VAL B 249 -8.54 1.68 -9.22
N VAL B 250 -7.64 2.33 -8.50
CA VAL B 250 -6.63 3.27 -9.08
C VAL B 250 -5.50 2.48 -9.74
N CYS B 251 -5.00 1.45 -9.05
CA CYS B 251 -3.77 0.71 -9.43
C CYS B 251 -4.12 -0.55 -10.26
N VAL B 252 -5.12 -1.33 -9.86
CA VAL B 252 -5.41 -2.60 -10.57
C VAL B 252 -6.35 -2.29 -11.75
N ASP B 253 -7.46 -1.59 -11.51
CA ASP B 253 -8.52 -1.33 -12.52
C ASP B 253 -8.15 -0.10 -13.36
N GLN B 254 -7.13 0.67 -12.95
CA GLN B 254 -6.64 1.86 -13.73
C GLN B 254 -7.80 2.83 -13.98
N GLN B 255 -8.69 3.00 -13.01
CA GLN B 255 -9.85 3.90 -13.09
C GLN B 255 -9.35 5.33 -12.91
N ARG B 256 -9.96 6.24 -13.66
CA ARG B 256 -9.89 7.70 -13.43
C ARG B 256 -11.31 8.23 -13.37
N PRO B 257 -11.56 9.37 -12.71
CA PRO B 257 -12.88 9.96 -12.74
C PRO B 257 -13.38 10.07 -14.19
N ASN B 258 -14.67 9.82 -14.38
CA ASN B 258 -15.30 9.87 -15.72
C ASN B 258 -15.49 11.34 -16.09
N ILE B 259 -15.26 11.67 -17.35
CA ILE B 259 -15.56 13.02 -17.89
C ILE B 259 -16.97 12.98 -18.46
N PRO B 260 -17.92 13.76 -17.92
CA PRO B 260 -19.25 13.81 -18.53
C PRO B 260 -19.11 14.37 -19.96
N ASN B 261 -19.62 13.63 -20.95
CA ASN B 261 -19.68 14.01 -22.39
C ASN B 261 -20.18 15.45 -22.56
N ARG B 262 -21.11 15.94 -21.73
CA ARG B 262 -21.65 17.32 -21.84
C ARG B 262 -20.51 18.34 -21.77
N TRP B 263 -19.40 18.03 -21.09
CA TRP B 263 -18.26 18.97 -20.91
C TRP B 263 -17.67 19.36 -22.28
N PHE B 264 -17.66 18.41 -23.22
CA PHE B 264 -16.99 18.55 -24.53
C PHE B 264 -17.76 19.55 -25.41
N SER B 265 -18.99 19.91 -25.06
CA SER B 265 -19.74 21.03 -25.69
C SER B 265 -19.27 22.39 -25.16
N ASP B 266 -18.54 22.41 -24.04
CA ASP B 266 -18.10 23.68 -23.41
C ASP B 266 -16.59 23.83 -23.60
N PRO B 267 -16.10 25.00 -24.08
CA PRO B 267 -14.67 25.22 -24.26
C PRO B 267 -13.90 25.12 -22.94
N THR B 268 -14.41 25.75 -21.88
CA THR B 268 -13.77 25.79 -20.56
C THR B 268 -13.69 24.36 -20.01
N LEU B 269 -14.80 23.63 -19.95
CA LEU B 269 -14.80 22.26 -19.40
C LEU B 269 -13.97 21.31 -20.26
N THR B 270 -13.90 21.57 -21.57
CA THR B 270 -13.07 20.81 -22.52
C THR B 270 -11.60 21.05 -22.13
N SER B 271 -11.21 22.31 -21.91
CA SER B 271 -9.84 22.66 -21.45
C SER B 271 -9.57 22.01 -20.09
N LEU B 272 -10.50 22.10 -19.14
CA LEU B 272 -10.30 21.57 -17.78
C LEU B 272 -10.17 20.04 -17.80
N ALA B 273 -10.94 19.36 -18.67
CA ALA B 273 -10.91 17.88 -18.79
C ALA B 273 -9.52 17.47 -19.28
N LYS B 274 -8.93 18.28 -20.17
CA LYS B 274 -7.58 18.03 -20.73
C LYS B 274 -6.54 18.21 -19.62
N LEU B 275 -6.67 19.28 -18.81
CA LEU B 275 -5.78 19.60 -17.67
C LEU B 275 -5.79 18.44 -16.66
N MET B 276 -6.98 17.99 -16.25
CA MET B 276 -7.10 16.99 -15.15
C MET B 276 -6.56 15.64 -15.64
N LYS B 277 -6.63 15.34 -16.93
CA LYS B 277 -6.05 14.07 -17.47
C LYS B 277 -4.51 14.16 -17.41
N GLU B 278 -3.96 15.35 -17.55
CA GLU B 278 -2.48 15.58 -17.50
C GLU B 278 -1.99 15.58 -16.03
N CYS B 279 -2.92 15.50 -15.07
CA CYS B 279 -2.66 15.33 -13.61
C CYS B 279 -2.72 13.84 -13.25
N TRP B 280 -3.24 12.96 -14.11
CA TRP B 280 -3.69 11.59 -13.74
C TRP B 280 -2.85 10.49 -14.40
N TYR B 281 -1.77 10.83 -15.07
CA TYR B 281 -0.88 9.80 -15.65
C TYR B 281 -0.41 8.91 -14.51
N GLN B 282 -0.33 7.59 -14.72
CA GLN B 282 0.23 6.68 -13.70
C GLN B 282 1.72 6.98 -13.50
N ASN B 283 2.42 7.39 -14.56
CA ASN B 283 3.84 7.78 -14.51
C ASN B 283 3.91 9.17 -13.88
N PRO B 284 4.39 9.30 -12.62
CA PRO B 284 4.40 10.60 -11.95
C PRO B 284 5.15 11.69 -12.74
N SER B 285 6.25 11.33 -13.41
CA SER B 285 7.13 12.28 -14.18
C SER B 285 6.35 12.91 -15.35
N ALA B 286 5.31 12.25 -15.84
CA ALA B 286 4.47 12.71 -16.97
C ALA B 286 3.55 13.88 -16.54
N ARG B 287 3.20 14.00 -15.26
CA ARG B 287 2.12 14.91 -14.85
C ARG B 287 2.60 16.35 -15.05
N LEU B 288 1.69 17.28 -15.33
CA LEU B 288 2.00 18.73 -15.37
C LEU B 288 2.61 19.19 -14.04
N THR B 289 3.22 20.38 -14.02
CA THR B 289 3.68 21.07 -12.80
C THR B 289 2.57 22.01 -12.32
N ALA B 290 2.53 22.32 -11.02
CA ALA B 290 1.60 23.33 -10.49
C ALA B 290 1.72 24.58 -11.36
N LEU B 291 2.95 24.98 -11.71
CA LEU B 291 3.16 26.27 -12.44
C LEU B 291 2.51 26.19 -13.83
N ARG B 292 2.65 25.06 -14.53
CA ARG B 292 2.05 24.89 -15.88
C ARG B 292 0.53 25.00 -15.77
N ILE B 293 -0.04 24.34 -14.75
CA ILE B 293 -1.51 24.38 -14.50
C ILE B 293 -1.90 25.85 -14.25
N LYS B 294 -1.13 26.57 -13.46
CA LYS B 294 -1.43 27.99 -13.16
C LYS B 294 -1.46 28.76 -14.48
N LYS B 295 -0.48 28.52 -15.35
CA LYS B 295 -0.28 29.23 -16.65
C LYS B 295 -1.45 28.92 -17.58
N THR B 296 -1.76 27.64 -17.79
CA THR B 296 -2.88 27.20 -18.66
C THR B 296 -4.21 27.82 -18.18
N LEU B 297 -4.51 27.73 -16.88
CA LEU B 297 -5.76 28.27 -16.28
C LEU B 297 -5.81 29.80 -16.47
N THR B 298 -4.65 30.46 -16.54
CA THR B 298 -4.54 31.93 -16.76
C THR B 298 -4.89 32.25 -18.22
N LYS B 299 -4.55 31.35 -19.14
CA LYS B 299 -4.83 31.47 -20.61
C LYS B 299 -6.31 31.23 -20.91
N ILE B 300 -7.01 30.40 -20.13
CA ILE B 300 -8.45 30.01 -20.35
C ILE B 300 -9.37 31.16 -19.95
N ASP B 301 -10.44 31.39 -20.73
CA ASP B 301 -11.52 32.39 -20.49
C ASP B 301 -12.87 31.80 -20.90
C10 LU8 C . -3.30 -28.55 4.55
C13 LU8 C . -2.21 -31.20 2.06
C15 LU8 C . -3.35 -33.19 1.10
C17 LU8 C . -3.63 -35.64 0.62
C20 LU8 C . -4.46 -33.99 -1.02
C21 LU8 C . -4.51 -32.96 0.10
C22 LU8 C . -4.44 -31.69 2.78
C24 LU8 C . -2.23 -28.18 5.39
C26 LU8 C . -0.02 -26.26 6.55
C01 LU8 C . -1.68 -25.93 11.37
C03 LU8 C . -0.42 -25.79 9.25
C04 LU8 C . -1.48 -26.24 8.44
C05 LU8 C . -1.27 -26.50 7.08
C06 LU8 C . -2.36 -27.00 6.16
C07 LU8 C . -3.55 -26.27 6.11
C09 LU8 C . -4.45 -27.77 4.54
C11 LU8 C . -3.30 -29.75 3.66
C12 LU8 C . -2.20 -30.07 2.88
C14 LU8 C . -3.33 -32.02 2.02
C16 LU8 C . -3.56 -34.56 1.72
C19 LU8 C . -6.05 -35.61 -0.09
C23 LU8 C . -4.43 -30.55 3.60
C25 LU8 C . -0.96 -28.98 5.46
C27 LU8 C . 1.02 -25.79 7.33
C29 LU8 C . 2.64 -25.64 5.45
C30 LU8 C . 0.83 -25.60 8.68
C32 LU8 C . 1.88 -23.71 9.63
N08 LU8 C . -4.55 -26.68 5.32
N18 LU8 C . -4.63 -35.36 -0.48
O02 LU8 C . -0.54 -25.57 10.61
O28 LU8 C . 2.29 -25.55 6.84
O31 LU8 C . 1.86 -25.13 9.42
C1 EDO D . -6.68 -16.84 5.70
O1 EDO D . -5.93 -15.80 5.07
C2 EDO D . -6.44 -18.15 5.06
O2 EDO D . -6.59 -19.17 5.94
C1 EDO E . 20.09 -25.06 -14.27
O1 EDO E . 20.09 -26.21 -15.12
C2 EDO E . 19.54 -25.21 -12.87
O2 EDO E . 18.54 -26.22 -12.59
C1 EDO F . 35.54 -21.79 -4.41
O1 EDO F . 35.77 -22.93 -5.23
C2 EDO F . 34.84 -22.14 -3.15
O2 EDO F . 34.07 -23.33 -3.27
C1 EDO G . 15.91 -33.56 -6.97
O1 EDO G . 16.83 -32.45 -7.07
C2 EDO G . 15.56 -34.28 -8.24
O2 EDO G . 16.64 -34.62 -9.15
S DMS H . -13.83 -17.63 9.89
O DMS H . -13.15 -16.49 10.60
C1 DMS H . -15.10 -18.22 10.97
C2 DMS H . -14.89 -16.91 8.67
C10 LU8 I . -13.78 -18.77 23.36
C13 LU8 I . -13.46 -14.94 23.70
C15 LU8 I . -14.35 -13.48 25.66
C17 LU8 I . -15.23 -11.18 25.76
C20 LU8 I . -12.86 -11.52 26.35
C21 LU8 I . -13.10 -13.03 26.40
C22 LU8 I . -14.64 -15.91 25.57
C24 LU8 I . -12.58 -19.45 23.12
C26 LU8 I . -10.59 -21.76 23.73
C01 LU8 I . -10.24 -23.33 18.94
C03 LU8 I . -10.00 -23.12 21.38
C04 LU8 I . -11.17 -22.33 21.44
C05 LU8 I . -11.42 -21.65 22.62
C06 LU8 I . -12.64 -20.82 22.84
C07 LU8 I . -13.85 -21.51 22.85
C09 LU8 I . -14.96 -19.52 23.37
C11 LU8 I . -13.85 -17.34 23.74
C12 LU8 I . -13.32 -16.23 23.10
C14 LU8 I . -14.13 -14.78 24.93
C16 LU8 I . -14.88 -12.35 24.82
C19 LU8 I . -13.75 -9.28 26.35
C23 LU8 I . -14.49 -17.16 24.98
C25 LU8 I . -11.26 -18.69 23.13
C27 LU8 I . -9.42 -22.51 23.66
C29 LU8 I . -8.66 -21.69 25.87
C30 LU8 I . -9.12 -23.20 22.48
C32 LU8 I . -8.08 -25.38 22.56
N08 LU8 I . -14.97 -20.84 23.10
N18 LU8 I . -14.08 -10.71 26.57
O02 LU8 I . -9.72 -23.79 20.21
O28 LU8 I . -8.58 -22.59 24.75
O31 LU8 I . -7.97 -23.95 22.42
C10 LU8 J . -15.70 -15.17 20.73
C13 LU8 J . -16.59 -11.57 21.53
C15 LU8 J . -15.19 -9.47 21.66
C17 LU8 J . -16.00 -7.20 21.09
C20 LU8 J . -14.53 -7.53 23.04
C21 LU8 J . -15.01 -8.98 23.08
C22 LU8 J . -14.21 -11.70 21.13
C24 LU8 J . -15.12 -15.84 19.64
C26 LU8 J . -13.27 -18.14 18.42
C01 LU8 J . -16.81 -19.30 14.98
C03 LU8 J . -14.73 -18.91 16.22
C04 LU8 J . -15.40 -18.28 17.27
C05 LU8 J . -14.67 -17.88 18.36
C06 LU8 J . -15.32 -17.20 19.50
C07 LU8 J . -16.07 -17.89 20.40
C09 LU8 J . -16.48 -15.91 21.59
C11 LU8 J . -15.57 -13.69 20.98
C12 LU8 J . -16.70 -12.95 21.32
C14 LU8 J . -15.35 -10.94 21.46
C16 LU8 J . -16.38 -8.68 21.14
C19 LU8 J . -16.66 -6.40 23.30
C23 LU8 J . -14.33 -13.06 20.89
C25 LU8 J . -14.31 -15.23 18.57
C27 LU8 J . -12.63 -18.77 17.36
C29 LU8 J . -10.34 -18.61 18.34
C30 LU8 J . -13.37 -19.16 16.27
C32 LU8 J . -12.58 -21.22 15.26
N08 LU8 J . -16.62 -17.23 21.42
N18 LU8 J . -15.53 -6.66 22.39
O02 LU8 J . -15.40 -19.34 15.13
O28 LU8 J . -11.28 -19.05 17.35
O31 LU8 J . -12.74 -19.79 15.25
S SO4 K . -10.70 -22.46 1.17
O1 SO4 K . -10.44 -21.28 1.98
O2 SO4 K . -11.22 -21.97 -0.09
O3 SO4 K . -9.50 -23.26 0.96
O4 SO4 K . -11.63 -23.33 1.80
S SO4 L . 14.15 -25.87 -23.92
O1 SO4 L . 14.22 -24.49 -24.33
O2 SO4 L . 12.82 -26.37 -24.10
O3 SO4 L . 14.48 -25.95 -22.52
O4 SO4 L . 15.06 -26.68 -24.66
S SO4 M . 14.38 -31.58 -0.92
O1 SO4 M . 14.48 -30.14 -1.13
O2 SO4 M . 14.91 -32.29 -2.05
O3 SO4 M . 13.01 -31.97 -0.71
O4 SO4 M . 15.15 -31.95 0.24
C1 EDO N . -1.97 -7.07 10.05
O1 EDO N . -2.19 -8.15 9.20
C2 EDO N . -2.09 -5.82 9.29
O2 EDO N . -1.61 -4.69 9.99
C1 EDO O . -15.58 -13.32 31.14
O1 EDO O . -14.96 -12.05 31.34
C2 EDO O . -14.71 -14.26 30.39
O2 EDO O . -15.33 -14.81 29.25
C1 EDO P . 5.84 -21.99 -30.40
O1 EDO P . 5.83 -20.68 -30.98
C2 EDO P . 5.84 -22.03 -28.91
O2 EDO P . 5.85 -23.34 -28.38
C1 EDO Q . 9.85 -32.34 6.67
O1 EDO Q . 10.34 -33.67 6.60
C2 EDO Q . 10.80 -31.38 7.27
O2 EDO Q . 10.27 -30.67 8.39
C1 EDO R . 0.53 -19.70 9.97
O1 EDO R . 1.47 -20.59 9.76
C2 EDO R . 1.03 -18.32 9.75
O2 EDO R . 0.04 -17.44 9.29
C1 EDO S . 12.19 -32.73 -18.11
O1 EDO S . 13.57 -32.79 -17.78
C2 EDO S . 11.45 -31.68 -17.37
O2 EDO S . 11.51 -30.39 -17.98
C10 LU8 T . -13.47 26.76 8.69
C13 LU8 T . -17.23 26.72 9.03
C15 LU8 T . -19.06 25.20 8.33
C17 LU8 T . -20.91 24.07 6.98
C20 LU8 T . -20.27 23.11 9.13
C21 LU8 T . -19.42 24.31 9.52
C22 LU8 T . -16.58 24.73 7.86
C24 LU8 T . -12.40 25.92 8.97
C26 LU8 T . -9.61 24.50 8.46
C01 LU8 T . -7.24 26.48 12.49
C03 LU8 T . -7.96 25.07 10.64
C04 LU8 T . -9.06 25.88 10.36
C05 LU8 T . -9.92 25.61 9.29
C06 LU8 T . -11.11 26.46 8.99
C07 LU8 T . -10.96 27.85 8.72
C09 LU8 T . -13.24 28.13 8.45
C11 LU8 T . -14.90 26.32 8.60
C12 LU8 T . -15.90 27.11 9.11
C14 LU8 T . -17.60 25.54 8.40
C16 LU8 T . -19.44 24.54 7.00
C19 LU8 T . -22.46 22.62 8.24
C23 LU8 T . -15.25 25.12 7.95
C25 LU8 T . -12.61 24.44 9.28
C27 LU8 T . -8.49 23.71 8.72
C29 LU8 T . -9.14 22.04 7.06
C30 LU8 T . -7.68 24.00 9.82
C32 LU8 T . -5.34 23.56 9.50
N08 LU8 T . -12.00 28.64 8.45
N18 LU8 T . -21.38 23.63 8.32
O02 LU8 T . -7.13 25.29 11.71
O28 LU8 T . -8.16 22.64 7.92
O31 LU8 T . -6.58 23.23 10.10
S SO4 U . -12.81 35.77 4.06
O1 SO4 U . -13.55 36.36 5.16
O2 SO4 U . -13.20 36.44 2.83
O3 SO4 U . -11.39 35.94 4.23
O4 SO4 U . -13.17 34.36 4.01
C1 EDO V . -14.14 5.72 -12.95
O1 EDO V . -15.36 5.05 -13.22
C2 EDO V . -14.02 6.17 -11.54
O2 EDO V . -14.97 7.14 -11.10
S DMS W . 5.34 29.60 -21.67
O DMS W . 3.86 29.61 -21.46
C1 DMS W . 6.08 29.39 -20.08
C2 DMS W . 5.75 28.02 -22.38
C01 XGY X . -0.44 -2.11 3.25
N02 XGY X . -0.91 -0.95 3.33
C03 XGY X . -2.02 -0.76 4.32
N04 XGY X . -1.94 0.72 4.62
C05 XGY X . -0.77 1.07 4.46
N06 XGY X . -0.62 2.46 4.03
C07 XGY X . -0.15 0.03 3.40
C01 XGY Y . -24.02 7.26 -19.34
N02 XGY Y . -23.24 8.13 -18.97
C03 XGY Y . -22.26 8.11 -20.05
N04 XGY Y . -21.58 9.44 -19.99
C05 XGY Y . -22.56 10.11 -20.00
N06 XGY Y . -22.10 11.39 -19.53
C07 XGY Y . -23.61 9.33 -19.03
S SO4 Z . -11.41 12.76 10.00
O1 SO4 Z . -10.36 13.46 9.30
O2 SO4 Z . -12.66 13.42 9.77
O3 SO4 Z . -11.12 12.74 11.40
O4 SO4 Z . -11.47 11.40 9.51
S SO4 AA . -8.92 8.96 4.96
O1 SO4 AA . -9.08 10.31 5.44
O2 SO4 AA . -9.25 8.90 3.57
O3 SO4 AA . -7.56 8.54 5.14
O4 SO4 AA . -9.81 8.09 5.69
C1 EDO BA . -5.03 33.88 3.41
O1 EDO BA . -4.11 34.35 4.39
C2 EDO BA . -6.04 32.95 3.96
O2 EDO BA . -6.35 33.20 5.31
C1 EDO CA . 0.40 6.05 -17.75
O1 EDO CA . 1.38 7.06 -17.47
C2 EDO CA . -0.91 6.58 -18.23
O2 EDO CA . -1.86 6.79 -17.19
C1 EDO DA . -28.86 25.73 -13.60
O1 EDO DA . -28.58 26.26 -14.88
C2 EDO DA . -28.56 24.29 -13.45
O2 EDO DA . -28.66 23.54 -14.65
#